data_4X2E
#
_entry.id   4X2E
#
_cell.length_a   57.420
_cell.length_b   157.370
_cell.length_c   262.690
_cell.angle_alpha   90.000
_cell.angle_beta   90.000
_cell.angle_gamma   90.000
#
_symmetry.space_group_name_H-M   'C 2 2 21'
#
_entity_poly.entity_id   1
_entity_poly.type   'polypeptide(L)'
_entity_poly.pdbx_seq_one_letter_code
;MNNSFLDKLIETKELKNSLYNVLKHNFLYHSNKIEGSTFTTEALALLLDKNVVTGRHTLDDVQETVNSSYVFDTVIDSLK
EKITHNFLRNLHSSLIFNTTLHSRGMAGIYKTIPNMILGTDVSIAQPFEVEPKLDELIEWYYSQSEVSIKVIAEFHYRFE
LIHPFQDGNGRIGRFVMLKQMLENNLPIKIVSWDSEDLYRNSLNSCSLGNYVPLIEYLSSLEDFREVYKMLWKLE
;
_entity_poly.pdbx_strand_id   A,B,C,D
#
# COMPACT_ATOMS: atom_id res chain seq x y z
N SER A 4 -14.73 52.41 -12.97
CA SER A 4 -15.55 52.68 -11.80
C SER A 4 -15.42 51.54 -10.78
N PHE A 5 -15.06 50.37 -11.29
CA PHE A 5 -14.84 49.17 -10.47
C PHE A 5 -13.73 49.34 -9.42
N LEU A 6 -12.61 49.93 -9.82
CA LEU A 6 -11.46 50.17 -8.93
C LEU A 6 -11.86 51.07 -7.77
N ASP A 7 -12.67 52.07 -8.11
CA ASP A 7 -13.20 53.02 -7.15
C ASP A 7 -13.97 52.27 -6.05
N LYS A 8 -14.82 51.34 -6.46
CA LYS A 8 -15.59 50.54 -5.51
C LYS A 8 -14.66 49.65 -4.69
N LEU A 9 -13.64 49.11 -5.34
CA LEU A 9 -12.68 48.24 -4.65
C LEU A 9 -11.97 48.97 -3.52
N ILE A 10 -11.50 50.19 -3.80
CA ILE A 10 -10.80 50.99 -2.80
C ILE A 10 -11.74 51.50 -1.71
N GLU A 11 -12.93 51.95 -2.12
CA GLU A 11 -13.91 52.50 -1.18
C GLU A 11 -14.50 51.44 -0.23
N THR A 12 -14.67 50.23 -0.74
CA THR A 12 -15.30 49.16 0.03
C THR A 12 -14.27 48.38 0.85
N LYS A 13 -13.06 48.92 0.93
CA LYS A 13 -11.94 48.25 1.60
C LYS A 13 -12.19 47.93 3.08
N GLU A 14 -12.75 48.87 3.82
CA GLU A 14 -12.89 48.69 5.27
C GLU A 14 -14.16 47.95 5.72
N LEU A 15 -15.16 47.88 4.86
CA LEU A 15 -16.42 47.22 5.22
C LEU A 15 -16.25 45.70 5.11
N LYS A 16 -17.08 44.97 5.84
CA LYS A 16 -16.92 43.52 5.98
C LYS A 16 -17.63 42.78 4.86
N ASN A 17 -17.04 41.66 4.48
CA ASN A 17 -17.42 40.90 3.29
C ASN A 17 -17.67 41.88 2.14
N SER A 18 -16.59 42.51 1.68
CA SER A 18 -16.68 43.47 0.59
C SER A 18 -15.91 42.99 -0.63
N LEU A 19 -16.01 43.76 -1.71
CA LEU A 19 -15.36 43.41 -2.98
C LEU A 19 -13.87 43.14 -2.79
N TYR A 20 -13.22 43.98 -1.99
CA TYR A 20 -11.81 43.84 -1.69
C TYR A 20 -11.53 42.50 -1.02
N ASN A 21 -12.30 42.19 0.03
CA ASN A 21 -12.08 40.98 0.81
C ASN A 21 -12.38 39.70 0.03
N VAL A 22 -13.40 39.77 -0.81
CA VAL A 22 -13.77 38.63 -1.65
C VAL A 22 -12.70 38.35 -2.69
N LEU A 23 -12.27 39.40 -3.38
CA LEU A 23 -11.23 39.27 -4.39
C LEU A 23 -9.95 38.73 -3.78
N LYS A 24 -9.57 39.31 -2.65
CA LYS A 24 -8.38 38.89 -1.92
C LYS A 24 -8.49 37.42 -1.56
N HIS A 25 -9.64 37.02 -1.04
CA HIS A 25 -9.83 35.64 -0.62
C HIS A 25 -9.68 34.67 -1.79
N ASN A 26 -10.43 34.89 -2.87
CA ASN A 26 -10.38 33.96 -4.00
C ASN A 26 -8.98 33.89 -4.60
N PHE A 27 -8.41 35.05 -4.89
CA PHE A 27 -7.11 35.12 -5.52
C PHE A 27 -6.05 34.43 -4.67
N LEU A 28 -5.97 34.79 -3.40
CA LEU A 28 -4.97 34.20 -2.52
C LEU A 28 -5.20 32.70 -2.33
N TYR A 29 -6.46 32.29 -2.26
CA TYR A 29 -6.78 30.87 -2.10
C TYR A 29 -6.24 30.05 -3.25
N HIS A 30 -6.64 30.41 -4.48
CA HIS A 30 -6.21 29.64 -5.65
C HIS A 30 -4.71 29.75 -5.89
N SER A 31 -4.19 30.98 -5.85
CA SER A 31 -2.77 31.22 -6.10
C SER A 31 -1.89 30.47 -5.10
N ASN A 32 -2.28 30.44 -3.83
CA ASN A 32 -1.52 29.71 -2.83
C ASN A 32 -1.73 28.21 -2.93
N LYS A 33 -2.93 27.78 -3.28
CA LYS A 33 -3.22 26.36 -3.41
C LYS A 33 -2.43 25.75 -4.56
N ILE A 34 -2.18 26.54 -5.60
CA ILE A 34 -1.35 26.09 -6.71
C ILE A 34 0.06 25.77 -6.22
N GLU A 35 0.55 26.58 -5.28
CA GLU A 35 1.91 26.45 -4.79
C GLU A 35 2.03 25.43 -3.65
N GLY A 36 0.90 24.86 -3.25
CA GLY A 36 0.92 23.78 -2.28
C GLY A 36 0.36 24.10 -0.91
N SER A 37 -0.30 25.24 -0.76
CA SER A 37 -0.90 25.60 0.51
C SER A 37 -2.02 24.64 0.86
N THR A 38 -2.13 24.29 2.13
CA THR A 38 -3.12 23.33 2.58
C THR A 38 -4.28 24.04 3.29
N PHE A 39 -4.31 25.36 3.15
CA PHE A 39 -5.40 26.14 3.71
C PHE A 39 -6.67 25.92 2.92
N THR A 40 -7.74 25.55 3.62
CA THR A 40 -9.05 25.46 2.99
C THR A 40 -9.63 26.86 2.85
N THR A 41 -10.80 26.97 2.23
CA THR A 41 -11.41 28.27 2.02
C THR A 41 -11.80 28.90 3.35
N GLU A 42 -12.35 28.09 4.24
CA GLU A 42 -12.77 28.58 5.55
C GLU A 42 -11.57 28.87 6.45
N ALA A 43 -10.53 28.07 6.33
CA ALA A 43 -9.32 28.28 7.12
C ALA A 43 -8.64 29.59 6.72
N LEU A 44 -8.55 29.82 5.41
CA LEU A 44 -7.96 31.04 4.90
C LEU A 44 -8.81 32.25 5.24
N ALA A 45 -10.12 32.12 5.09
CA ALA A 45 -11.02 33.22 5.43
C ALA A 45 -10.87 33.59 6.91
N LEU A 46 -10.77 32.56 7.74
CA LEU A 46 -10.59 32.74 9.18
C LEU A 46 -9.25 33.41 9.48
N LEU A 47 -8.22 33.02 8.74
CA LEU A 47 -6.87 33.59 8.93
C LEU A 47 -6.83 35.07 8.54
N LEU A 48 -7.47 35.39 7.42
CA LEU A 48 -7.48 36.77 6.94
C LEU A 48 -8.32 37.66 7.83
N ASP A 49 -9.47 37.15 8.26
CA ASP A 49 -10.43 37.95 9.01
C ASP A 49 -10.08 38.08 10.49
N LYS A 50 -9.76 36.97 11.14
CA LYS A 50 -9.57 36.98 12.60
C LYS A 50 -8.14 36.63 13.03
N ASN A 51 -7.25 36.42 12.06
CA ASN A 51 -5.87 36.02 12.32
C ASN A 51 -5.81 34.75 13.15
N VAL A 52 -6.56 33.73 12.72
CA VAL A 52 -6.61 32.46 13.41
C VAL A 52 -6.22 31.32 12.48
N VAL A 53 -5.32 30.47 12.94
CA VAL A 53 -4.85 29.35 12.15
C VAL A 53 -5.54 28.05 12.55
N THR A 54 -6.11 27.36 11.57
CA THR A 54 -6.79 26.09 11.79
C THR A 54 -6.32 25.01 10.83
N GLY A 55 -6.55 23.76 11.20
CA GLY A 55 -6.16 22.63 10.38
C GLY A 55 -4.67 22.36 10.49
N ARG A 56 -4.19 21.37 9.74
CA ARG A 56 -2.79 21.01 9.79
C ARG A 56 -1.97 21.71 8.69
N HIS A 57 -0.93 22.41 9.11
CA HIS A 57 -0.08 23.16 8.19
C HIS A 57 1.38 23.15 8.63
N THR A 58 2.29 23.29 7.68
CA THR A 58 3.69 23.53 7.99
C THR A 58 3.87 25.01 8.33
N LEU A 59 4.95 25.32 9.05
CA LEU A 59 5.25 26.71 9.39
C LEU A 59 5.44 27.55 8.14
N ASP A 60 6.08 26.95 7.13
CA ASP A 60 6.29 27.63 5.86
C ASP A 60 4.97 27.98 5.18
N ASP A 61 4.00 27.09 5.28
CA ASP A 61 2.69 27.33 4.67
C ASP A 61 2.00 28.53 5.31
N VAL A 62 1.98 28.54 6.64
CA VAL A 62 1.36 29.62 7.40
C VAL A 62 2.03 30.95 7.10
N GLN A 63 3.35 30.99 7.25
CA GLN A 63 4.09 32.23 7.07
C GLN A 63 3.99 32.75 5.63
N GLU A 64 4.08 31.84 4.66
CA GLU A 64 3.93 32.23 3.26
C GLU A 64 2.52 32.73 2.97
N THR A 65 1.53 32.18 3.67
CA THR A 65 0.15 32.62 3.53
C THR A 65 -0.04 34.05 4.03
N VAL A 66 0.40 34.28 5.27
CA VAL A 66 0.33 35.61 5.87
C VAL A 66 1.06 36.63 4.99
N ASN A 67 2.25 36.24 4.55
CA ASN A 67 3.01 37.04 3.61
C ASN A 67 2.23 37.31 2.34
N SER A 68 1.47 36.33 1.87
CA SER A 68 0.66 36.51 0.67
C SER A 68 -0.41 37.58 0.90
N SER A 69 -0.98 37.60 2.10
CA SER A 69 -1.95 38.63 2.45
C SER A 69 -1.31 40.02 2.41
N TYR A 70 -0.17 40.14 3.09
CA TYR A 70 0.56 41.41 3.10
C TYR A 70 0.96 41.88 1.70
N VAL A 71 1.44 40.95 0.89
CA VAL A 71 1.84 41.25 -0.48
C VAL A 71 0.64 41.71 -1.30
N PHE A 72 -0.51 41.06 -1.11
CA PHE A 72 -1.73 41.46 -1.81
C PHE A 72 -2.08 42.91 -1.47
N ASP A 73 -2.10 43.20 -0.17
CA ASP A 73 -2.42 44.55 0.30
C ASP A 73 -1.43 45.57 -0.29
N THR A 74 -0.15 45.19 -0.34
CA THR A 74 0.90 46.04 -0.89
C THR A 74 0.68 46.29 -2.38
N VAL A 75 0.22 45.27 -3.09
CA VAL A 75 -0.03 45.36 -4.52
C VAL A 75 -1.18 46.32 -4.80
N ILE A 76 -2.27 46.18 -4.05
CA ILE A 76 -3.40 47.08 -4.23
C ILE A 76 -3.05 48.52 -3.85
N ASP A 77 -2.32 48.68 -2.74
CA ASP A 77 -1.95 50.02 -2.27
C ASP A 77 -0.95 50.70 -3.21
N SER A 78 -0.18 49.89 -3.93
CA SER A 78 0.83 50.41 -4.84
C SER A 78 0.41 50.25 -6.29
N LEU A 79 -0.88 50.45 -6.54
CA LEU A 79 -1.40 50.48 -7.90
C LEU A 79 -0.87 51.73 -8.60
N LYS A 80 -0.84 51.68 -9.93
CA LYS A 80 -0.36 52.77 -10.79
C LYS A 80 1.15 52.93 -10.77
N GLU A 81 1.84 52.14 -9.96
CA GLU A 81 3.31 52.16 -9.96
C GLU A 81 3.84 51.39 -11.15
N LYS A 82 4.99 51.83 -11.64
CA LYS A 82 5.64 51.14 -12.75
C LYS A 82 6.28 49.88 -12.22
N ILE A 83 6.17 48.79 -12.97
CA ILE A 83 6.77 47.54 -12.57
C ILE A 83 8.28 47.61 -12.81
N THR A 84 9.05 47.47 -11.73
CA THR A 84 10.50 47.52 -11.83
C THR A 84 11.09 46.29 -11.15
N HIS A 85 12.37 46.05 -11.36
CA HIS A 85 13.01 44.87 -10.79
C HIS A 85 13.08 44.95 -9.26
N ASN A 86 13.47 46.10 -8.74
CA ASN A 86 13.52 46.28 -7.28
C ASN A 86 12.13 46.27 -6.65
N PHE A 87 11.13 46.68 -7.42
CA PHE A 87 9.74 46.60 -6.99
C PHE A 87 9.35 45.14 -6.80
N LEU A 88 9.63 44.34 -7.83
CA LEU A 88 9.32 42.92 -7.81
C LEU A 88 10.09 42.22 -6.70
N ARG A 89 11.35 42.61 -6.49
CA ARG A 89 12.15 42.05 -5.39
C ARG A 89 11.59 42.43 -4.03
N ASN A 90 11.03 43.64 -3.91
CA ASN A 90 10.36 44.02 -2.67
C ASN A 90 9.18 43.10 -2.41
N LEU A 91 8.39 42.85 -3.44
CA LEU A 91 7.26 41.93 -3.31
C LEU A 91 7.72 40.52 -2.92
N HIS A 92 8.83 40.08 -3.53
CA HIS A 92 9.36 38.75 -3.27
C HIS A 92 9.86 38.61 -1.84
N SER A 93 10.69 39.54 -1.40
CA SER A 93 11.26 39.51 -0.06
C SER A 93 10.15 39.64 0.98
N SER A 94 9.09 40.35 0.62
CA SER A 94 7.95 40.49 1.52
C SER A 94 7.18 39.16 1.56
N LEU A 95 7.27 38.41 0.46
CA LEU A 95 6.55 37.15 0.33
C LEU A 95 7.29 36.01 1.05
N ILE A 96 8.62 36.02 0.99
CA ILE A 96 9.41 34.94 1.56
C ILE A 96 9.97 35.29 2.95
N PHE A 97 9.42 36.32 3.58
CA PHE A 97 9.87 36.75 4.90
C PHE A 97 9.67 35.67 5.97
N ASN A 98 10.70 35.47 6.79
CA ASN A 98 10.68 34.50 7.88
C ASN A 98 10.29 33.10 7.39
N THR A 99 11.06 32.59 6.45
CA THR A 99 10.85 31.26 5.87
C THR A 99 12.18 30.53 5.78
N THR A 100 12.17 29.29 5.31
CA THR A 100 13.39 28.50 5.19
C THR A 100 14.34 29.08 4.15
N LEU A 101 13.88 30.10 3.43
CA LEU A 101 14.70 30.81 2.46
C LEU A 101 15.18 32.13 3.04
N HIS A 102 14.41 32.63 4.01
CA HIS A 102 14.69 33.89 4.68
C HIS A 102 14.83 35.05 3.70
N GLU A 129 21.96 38.07 -17.13
CA GLU A 129 21.07 37.35 -18.04
C GLU A 129 19.60 37.63 -17.72
N VAL A 130 19.30 37.83 -16.44
CA VAL A 130 17.93 38.05 -16.00
C VAL A 130 17.49 39.51 -16.07
N GLU A 131 18.34 40.40 -15.58
CA GLU A 131 18.00 41.83 -15.54
C GLU A 131 17.78 42.45 -16.94
N PRO A 132 18.66 42.16 -17.92
CA PRO A 132 18.39 42.77 -19.22
C PRO A 132 17.13 42.23 -19.91
N LYS A 133 16.93 40.91 -19.86
CA LYS A 133 15.74 40.31 -20.45
C LYS A 133 14.46 40.83 -19.78
N LEU A 134 14.52 40.98 -18.46
CA LEU A 134 13.37 41.49 -17.71
C LEU A 134 13.08 42.93 -18.09
N ASP A 135 14.12 43.75 -18.19
CA ASP A 135 13.97 45.13 -18.60
C ASP A 135 13.34 45.21 -19.99
N GLU A 136 13.80 44.33 -20.88
CA GLU A 136 13.24 44.26 -22.23
C GLU A 136 11.75 43.93 -22.18
N LEU A 137 11.39 42.98 -21.30
CA LEU A 137 9.99 42.58 -21.14
C LEU A 137 9.13 43.75 -20.64
N ILE A 138 9.66 44.47 -19.66
CA ILE A 138 8.98 45.61 -19.07
C ILE A 138 8.75 46.71 -20.10
N GLU A 139 9.81 47.05 -20.84
CA GLU A 139 9.72 48.05 -21.91
C GLU A 139 8.70 47.64 -22.96
N TRP A 140 8.70 46.35 -23.30
CA TRP A 140 7.73 45.81 -24.24
C TRP A 140 6.32 46.04 -23.72
N TYR A 141 6.15 45.84 -22.42
CA TYR A 141 4.84 46.01 -21.79
C TYR A 141 4.38 47.47 -21.82
N TYR A 142 5.29 48.38 -21.50
CA TYR A 142 4.96 49.79 -21.41
C TYR A 142 5.13 50.50 -22.74
N SER A 143 5.28 49.73 -23.81
CA SER A 143 5.29 50.29 -25.16
C SER A 143 3.97 50.02 -25.89
N GLN A 144 3.07 49.28 -25.26
CA GLN A 144 1.80 48.92 -25.88
C GLN A 144 0.81 50.08 -25.90
N SER A 145 0.17 50.28 -27.06
CA SER A 145 -0.84 51.33 -27.21
C SER A 145 -2.04 50.99 -26.34
N GLU A 146 -2.43 49.72 -26.37
CA GLU A 146 -3.51 49.21 -25.54
C GLU A 146 -3.07 47.89 -24.92
N VAL A 147 -3.57 47.61 -23.72
CA VAL A 147 -3.24 46.37 -23.04
C VAL A 147 -4.43 45.42 -23.06
N SER A 148 -4.18 44.16 -23.38
CA SER A 148 -5.24 43.17 -23.46
C SER A 148 -4.85 41.88 -22.77
N ILE A 149 -5.76 40.92 -22.77
CA ILE A 149 -5.50 39.62 -22.17
C ILE A 149 -4.33 38.94 -22.86
N LYS A 150 -4.16 39.20 -24.15
CA LYS A 150 -3.04 38.64 -24.90
C LYS A 150 -1.71 39.20 -24.40
N VAL A 151 -1.67 40.51 -24.16
CA VAL A 151 -0.47 41.17 -23.66
C VAL A 151 -0.11 40.69 -22.26
N ILE A 152 -1.12 40.59 -21.41
CA ILE A 152 -0.94 40.14 -20.04
C ILE A 152 -0.46 38.68 -20.00
N ALA A 153 -1.05 37.84 -20.84
CA ALA A 153 -0.69 36.43 -20.90
C ALA A 153 0.74 36.27 -21.40
N GLU A 154 1.09 37.03 -22.45
CA GLU A 154 2.44 36.99 -22.98
C GLU A 154 3.45 37.43 -21.91
N PHE A 155 3.10 38.50 -21.20
CA PHE A 155 3.94 38.97 -20.10
C PHE A 155 4.11 37.88 -19.06
N HIS A 156 3.04 37.14 -18.80
CA HIS A 156 3.07 36.09 -17.80
C HIS A 156 4.02 34.96 -18.21
N TYR A 157 3.84 34.46 -19.42
CA TYR A 157 4.68 33.35 -19.89
C TYR A 157 6.14 33.76 -19.99
N ARG A 158 6.40 34.97 -20.48
CA ARG A 158 7.77 35.45 -20.59
C ARG A 158 8.42 35.67 -19.23
N PHE A 159 7.63 36.16 -18.27
CA PHE A 159 8.11 36.35 -16.91
C PHE A 159 8.46 35.02 -16.28
N GLU A 160 7.59 34.02 -16.48
CA GLU A 160 7.85 32.69 -15.97
C GLU A 160 9.04 32.04 -16.66
N LEU A 161 9.25 32.40 -17.91
CA LEU A 161 10.34 31.86 -18.72
C LEU A 161 11.69 32.40 -18.23
N ILE A 162 11.73 33.70 -17.96
CA ILE A 162 12.94 34.31 -17.43
C ILE A 162 13.24 33.74 -16.05
N HIS A 163 12.20 33.60 -15.25
CA HIS A 163 12.27 33.01 -13.91
C HIS A 163 13.31 33.65 -12.99
N PRO A 164 13.16 34.96 -12.71
CA PRO A 164 14.16 35.72 -11.94
C PRO A 164 14.35 35.25 -10.49
N PHE A 165 13.29 34.71 -9.89
CA PHE A 165 13.34 34.31 -8.48
C PHE A 165 13.42 32.80 -8.27
N GLN A 166 13.94 32.40 -7.12
CA GLN A 166 14.05 31.00 -6.74
C GLN A 166 12.69 30.33 -6.65
N ASP A 167 11.76 30.98 -5.97
CA ASP A 167 10.39 30.49 -5.86
C ASP A 167 9.44 31.68 -5.80
N GLY A 168 8.17 31.43 -6.07
CA GLY A 168 7.16 32.48 -5.99
C GLY A 168 7.02 33.21 -7.30
N ASN A 169 7.71 32.74 -8.33
CA ASN A 169 7.59 33.32 -9.65
C ASN A 169 6.16 33.20 -10.11
N GLY A 170 5.53 32.10 -9.73
CA GLY A 170 4.13 31.90 -10.02
C GLY A 170 3.29 32.88 -9.24
N ARG A 171 3.56 33.00 -7.95
CA ARG A 171 2.80 33.89 -7.09
C ARG A 171 3.03 35.36 -7.42
N ILE A 172 4.30 35.75 -7.49
CA ILE A 172 4.67 37.13 -7.83
C ILE A 172 4.13 37.48 -9.22
N GLY A 173 4.28 36.53 -10.15
CA GLY A 173 3.80 36.69 -11.52
C GLY A 173 2.30 36.90 -11.60
N ARG A 174 1.55 36.12 -10.82
CA ARG A 174 0.10 36.26 -10.78
C ARG A 174 -0.31 37.57 -10.09
N PHE A 175 0.48 38.01 -9.12
CA PHE A 175 0.25 39.30 -8.48
C PHE A 175 0.40 40.43 -9.51
N VAL A 176 1.48 40.39 -10.27
CA VAL A 176 1.72 41.35 -11.33
C VAL A 176 0.60 41.29 -12.35
N MET A 177 0.15 40.07 -12.63
CA MET A 177 -0.95 39.84 -13.57
C MET A 177 -2.22 40.55 -13.12
N LEU A 178 -2.59 40.36 -11.85
CA LEU A 178 -3.75 41.03 -11.28
C LEU A 178 -3.59 42.53 -11.30
N LYS A 179 -2.38 42.97 -11.01
CA LYS A 179 -2.06 44.39 -11.00
C LYS A 179 -2.34 44.98 -12.38
N GLN A 180 -1.86 44.29 -13.41
CA GLN A 180 -2.04 44.71 -14.79
C GLN A 180 -3.52 44.72 -15.18
N MET A 181 -4.26 43.71 -14.74
CA MET A 181 -5.69 43.65 -15.03
C MET A 181 -6.45 44.82 -14.41
N LEU A 182 -6.15 45.11 -13.14
CA LEU A 182 -6.82 46.18 -12.42
C LEU A 182 -6.48 47.56 -12.98
N GLU A 183 -5.20 47.77 -13.28
CA GLU A 183 -4.73 49.06 -13.75
C GLU A 183 -5.35 49.49 -15.08
N ASN A 184 -5.62 48.51 -15.94
CA ASN A 184 -6.10 48.79 -17.29
C ASN A 184 -7.59 48.53 -17.49
N ASN A 185 -8.34 48.45 -16.40
CA ASN A 185 -9.79 48.25 -16.43
C ASN A 185 -10.20 47.01 -17.22
N LEU A 186 -9.27 46.05 -17.34
CA LEU A 186 -9.54 44.80 -18.03
C LEU A 186 -10.38 43.87 -17.17
N PRO A 187 -11.03 42.87 -17.78
CA PRO A 187 -11.78 41.88 -17.01
C PRO A 187 -10.89 41.13 -16.01
N ILE A 188 -11.38 40.94 -14.79
CA ILE A 188 -10.60 40.31 -13.75
C ILE A 188 -10.77 38.79 -13.80
N LYS A 189 -9.73 38.11 -14.27
CA LYS A 189 -9.73 36.65 -14.32
C LYS A 189 -8.69 36.06 -13.37
N ILE A 190 -9.17 35.32 -12.37
CA ILE A 190 -8.31 34.70 -11.38
C ILE A 190 -7.91 33.28 -11.77
N VAL A 191 -6.61 33.03 -11.86
CA VAL A 191 -6.12 31.69 -12.18
C VAL A 191 -6.56 30.70 -11.11
N SER A 192 -7.34 29.71 -11.52
CA SER A 192 -7.95 28.80 -10.56
C SER A 192 -7.29 27.42 -10.58
N TRP A 193 -7.10 26.86 -9.39
CA TRP A 193 -6.56 25.50 -9.26
C TRP A 193 -7.60 24.49 -9.73
N ASP A 194 -7.17 23.41 -10.35
CA ASP A 194 -8.09 22.34 -10.75
C ASP A 194 -7.47 20.98 -10.49
N SER A 195 -8.20 19.91 -10.85
CA SER A 195 -7.76 18.56 -10.56
C SER A 195 -6.93 17.96 -11.68
N GLU A 196 -6.80 18.71 -12.78
CA GLU A 196 -6.12 18.20 -13.97
C GLU A 196 -4.93 19.11 -14.25
N ASP A 197 -4.89 20.23 -13.53
CA ASP A 197 -3.81 21.21 -13.59
C ASP A 197 -3.79 21.90 -14.95
N LEU A 198 -4.89 22.59 -15.25
CA LEU A 198 -5.05 23.29 -16.52
C LEU A 198 -4.12 24.49 -16.65
N TYR A 199 -3.84 25.17 -15.55
CA TYR A 199 -2.95 26.33 -15.56
C TYR A 199 -1.51 25.99 -15.93
N ARG A 200 -0.93 25.01 -15.22
CA ARG A 200 0.45 24.62 -15.44
C ARG A 200 0.61 23.99 -16.83
N ASN A 201 -0.37 23.19 -17.21
CA ASN A 201 -0.35 22.56 -18.53
C ASN A 201 -0.48 23.60 -19.61
N SER A 202 -1.28 24.63 -19.36
CA SER A 202 -1.44 25.73 -20.30
C SER A 202 -0.12 26.48 -20.48
N LEU A 203 0.58 26.73 -19.38
CA LEU A 203 1.89 27.36 -19.46
C LEU A 203 2.90 26.49 -20.21
N ASN A 204 2.81 25.18 -20.01
CA ASN A 204 3.71 24.23 -20.66
C ASN A 204 3.48 24.15 -22.16
N SER A 205 2.21 24.10 -22.56
CA SER A 205 1.85 24.00 -23.98
C SER A 205 2.26 25.26 -24.72
N CYS A 206 2.33 26.37 -23.99
CA CYS A 206 2.81 27.63 -24.54
C CYS A 206 4.28 27.53 -24.92
N SER A 207 4.70 28.36 -25.86
CA SER A 207 6.10 28.50 -26.22
C SER A 207 6.37 29.91 -26.70
N LEU A 208 7.62 30.20 -27.05
CA LEU A 208 7.96 31.55 -27.48
C LEU A 208 7.38 31.83 -28.85
N GLY A 209 6.55 32.87 -28.94
CA GLY A 209 5.88 33.19 -30.18
C GLY A 209 4.49 32.59 -30.25
N ASN A 210 4.24 31.63 -29.36
CA ASN A 210 2.94 30.97 -29.30
C ASN A 210 2.37 31.00 -27.88
N TYR A 211 1.45 31.93 -27.62
CA TYR A 211 0.88 32.10 -26.30
C TYR A 211 -0.61 31.80 -26.32
N VAL A 212 -1.07 31.19 -27.41
CA VAL A 212 -2.49 30.88 -27.59
C VAL A 212 -3.08 29.98 -26.50
N PRO A 213 -2.36 28.93 -26.06
CA PRO A 213 -2.98 28.12 -24.99
C PRO A 213 -3.28 28.89 -23.70
N LEU A 214 -2.38 29.79 -23.30
CA LEU A 214 -2.60 30.58 -22.09
C LEU A 214 -3.77 31.55 -22.28
N ILE A 215 -3.87 32.13 -23.46
CA ILE A 215 -4.96 33.04 -23.77
C ILE A 215 -6.29 32.31 -23.70
N GLU A 216 -6.31 31.10 -24.26
CA GLU A 216 -7.50 30.25 -24.19
C GLU A 216 -7.86 29.90 -22.75
N TYR A 217 -6.85 29.61 -21.94
CA TYR A 217 -7.07 29.29 -20.54
C TYR A 217 -7.68 30.46 -19.77
N LEU A 218 -7.09 31.65 -19.95
CA LEU A 218 -7.58 32.84 -19.27
C LEU A 218 -8.98 33.22 -19.74
N SER A 219 -9.23 33.08 -21.04
CA SER A 219 -10.54 33.36 -21.60
C SER A 219 -11.59 32.38 -21.08
N SER A 220 -11.16 31.15 -20.82
CA SER A 220 -12.03 30.13 -20.24
C SER A 220 -12.59 30.54 -18.90
N LEU A 221 -11.81 31.32 -18.15
CA LEU A 221 -12.21 31.72 -16.81
C LEU A 221 -13.28 32.82 -16.84
N GLU A 222 -14.22 32.77 -15.91
CA GLU A 222 -15.24 33.80 -15.76
C GLU A 222 -14.66 35.10 -15.20
N ASP A 223 -15.22 36.22 -15.63
CA ASP A 223 -14.83 37.53 -15.14
C ASP A 223 -15.31 37.76 -13.71
N PHE A 224 -14.37 38.04 -12.82
CA PHE A 224 -14.67 38.22 -11.40
C PHE A 224 -15.62 39.37 -11.16
N ARG A 225 -15.44 40.46 -11.92
CA ARG A 225 -16.37 41.58 -11.91
C ARG A 225 -17.82 41.11 -12.09
N GLU A 226 -18.01 40.17 -13.02
CA GLU A 226 -19.34 39.71 -13.40
C GLU A 226 -19.87 38.61 -12.49
N VAL A 227 -19.04 38.12 -11.58
CA VAL A 227 -19.50 37.10 -10.64
C VAL A 227 -20.11 37.75 -9.41
N TYR A 228 -19.46 38.79 -8.92
CA TYR A 228 -19.92 39.50 -7.72
C TYR A 228 -20.29 40.94 -8.04
N LYS A 229 -21.13 41.13 -9.05
CA LYS A 229 -21.55 42.46 -9.48
C LYS A 229 -22.39 43.16 -8.42
N MET A 230 -23.00 42.37 -7.54
CA MET A 230 -23.84 42.90 -6.45
C MET A 230 -23.05 43.83 -5.53
N SER B 4 -15.74 20.52 -13.11
CA SER B 4 -15.77 21.62 -12.14
C SER B 4 -16.46 21.17 -10.85
N PHE B 5 -17.37 20.21 -10.97
CA PHE B 5 -18.04 19.61 -9.83
C PHE B 5 -17.02 18.93 -8.91
N LEU B 6 -16.09 18.22 -9.54
CA LEU B 6 -15.05 17.49 -8.82
C LEU B 6 -14.15 18.42 -8.00
N ASP B 7 -13.79 19.56 -8.59
CA ASP B 7 -12.98 20.55 -7.90
C ASP B 7 -13.65 21.00 -6.61
N LYS B 8 -14.95 21.29 -6.70
CA LYS B 8 -15.72 21.73 -5.56
C LYS B 8 -15.81 20.61 -4.53
N LEU B 9 -15.93 19.38 -5.03
CA LEU B 9 -15.98 18.20 -4.16
C LEU B 9 -14.71 18.06 -3.34
N ILE B 10 -13.56 18.24 -4.00
CA ILE B 10 -12.25 18.13 -3.36
C ILE B 10 -11.98 19.28 -2.38
N GLU B 11 -12.39 20.49 -2.76
CA GLU B 11 -12.15 21.67 -1.94
C GLU B 11 -12.92 21.58 -0.62
N THR B 12 -14.12 21.02 -0.70
CA THR B 12 -15.01 20.91 0.46
C THR B 12 -14.87 19.59 1.20
N LYS B 13 -13.84 18.81 0.86
CA LYS B 13 -13.62 17.50 1.46
C LYS B 13 -13.38 17.68 2.95
N GLU B 14 -12.58 18.68 3.30
CA GLU B 14 -12.18 18.92 4.67
C GLU B 14 -13.23 19.72 5.43
N LEU B 15 -14.10 20.40 4.67
CA LEU B 15 -15.14 21.24 5.26
C LEU B 15 -16.37 20.48 5.75
N LYS B 16 -17.00 21.01 6.79
CA LYS B 16 -18.17 20.39 7.39
C LYS B 16 -19.45 21.02 6.83
N ASN B 17 -20.54 20.26 6.83
CA ASN B 17 -21.80 20.65 6.18
C ASN B 17 -21.55 21.28 4.81
N SER B 18 -20.85 20.55 3.96
CA SER B 18 -20.51 20.99 2.62
C SER B 18 -21.02 20.04 1.54
N LEU B 19 -20.78 20.39 0.28
CA LEU B 19 -21.16 19.57 -0.87
C LEU B 19 -20.65 18.14 -0.72
N TYR B 20 -19.42 18.02 -0.23
CA TYR B 20 -18.80 16.73 0.04
C TYR B 20 -19.63 15.93 1.03
N ASN B 21 -19.99 16.57 2.13
CA ASN B 21 -20.78 15.93 3.18
C ASN B 21 -22.20 15.61 2.72
N VAL B 22 -22.75 16.43 1.83
CA VAL B 22 -24.07 16.15 1.28
C VAL B 22 -24.04 14.89 0.41
N LEU B 23 -23.06 14.82 -0.49
CA LEU B 23 -22.90 13.65 -1.34
C LEU B 23 -22.66 12.40 -0.51
N LYS B 24 -21.74 12.50 0.44
CA LYS B 24 -21.42 11.39 1.33
C LYS B 24 -22.65 10.92 2.09
N HIS B 25 -23.40 11.88 2.63
CA HIS B 25 -24.59 11.57 3.41
C HIS B 25 -25.63 10.84 2.58
N ASN B 26 -25.98 11.40 1.43
CA ASN B 26 -26.99 10.80 0.57
C ASN B 26 -26.57 9.41 0.08
N PHE B 27 -25.37 9.35 -0.49
CA PHE B 27 -24.86 8.10 -1.05
C PHE B 27 -24.78 7.00 -0.01
N LEU B 28 -24.16 7.29 1.12
CA LEU B 28 -24.03 6.29 2.18
C LEU B 28 -25.40 5.92 2.73
N TYR B 29 -26.31 6.89 2.82
CA TYR B 29 -27.66 6.61 3.31
C TYR B 29 -28.33 5.57 2.44
N HIS B 30 -28.40 5.83 1.14
CA HIS B 30 -29.09 4.91 0.24
C HIS B 30 -28.37 3.57 0.14
N SER B 31 -27.06 3.61 -0.10
CA SER B 31 -26.27 2.40 -0.29
C SER B 31 -26.32 1.50 0.94
N ASN B 32 -26.26 2.06 2.15
CA ASN B 32 -26.35 1.27 3.37
C ASN B 32 -27.77 0.82 3.70
N LYS B 33 -28.76 1.66 3.41
CA LYS B 33 -30.16 1.30 3.67
C LYS B 33 -30.59 0.15 2.77
N ILE B 34 -30.01 0.06 1.58
CA ILE B 34 -30.26 -1.05 0.68
C ILE B 34 -29.85 -2.38 1.34
N GLU B 35 -28.74 -2.33 2.07
CA GLU B 35 -28.17 -3.53 2.68
C GLU B 35 -28.79 -3.85 4.04
N GLY B 36 -29.69 -2.98 4.50
CA GLY B 36 -30.44 -3.25 5.70
C GLY B 36 -30.09 -2.40 6.90
N SER B 37 -29.34 -1.33 6.68
CA SER B 37 -28.98 -0.42 7.77
C SER B 37 -30.24 0.29 8.27
N THR B 38 -30.32 0.48 9.58
CA THR B 38 -31.50 1.08 10.20
C THR B 38 -31.22 2.52 10.62
N PHE B 39 -30.11 3.07 10.12
CA PHE B 39 -29.78 4.45 10.39
C PHE B 39 -30.72 5.37 9.63
N THR B 40 -31.35 6.29 10.35
CA THR B 40 -32.15 7.31 9.71
C THR B 40 -31.23 8.40 9.19
N THR B 41 -31.78 9.35 8.46
CA THR B 41 -30.98 10.42 7.89
C THR B 41 -30.37 11.27 9.02
N GLU B 42 -31.14 11.51 10.06
CA GLU B 42 -30.67 12.32 11.18
C GLU B 42 -29.62 11.56 11.99
N ALA B 43 -29.83 10.25 12.13
CA ALA B 43 -28.90 9.39 12.85
C ALA B 43 -27.58 9.28 12.10
N LEU B 44 -27.67 9.11 10.78
CA LEU B 44 -26.48 9.01 9.95
C LEU B 44 -25.70 10.32 9.92
N ALA B 45 -26.43 11.43 9.77
CA ALA B 45 -25.80 12.74 9.79
C ALA B 45 -25.09 12.97 11.11
N LEU B 46 -25.75 12.61 12.21
CA LEU B 46 -25.17 12.75 13.54
C LEU B 46 -23.92 11.89 13.70
N LEU B 47 -23.97 10.67 13.17
CA LEU B 47 -22.85 9.75 13.29
C LEU B 47 -21.64 10.23 12.49
N LEU B 48 -21.89 10.70 11.29
CA LEU B 48 -20.81 11.17 10.42
C LEU B 48 -20.18 12.45 10.95
N ASP B 49 -21.03 13.37 11.42
CA ASP B 49 -20.57 14.70 11.84
C ASP B 49 -19.94 14.71 13.23
N LYS B 50 -20.60 14.07 14.20
CA LYS B 50 -20.17 14.16 15.60
C LYS B 50 -19.72 12.82 16.18
N ASN B 51 -19.70 11.78 15.36
CA ASN B 51 -19.35 10.43 15.80
C ASN B 51 -20.21 9.95 16.97
N VAL B 52 -21.52 10.12 16.83
CA VAL B 52 -22.46 9.73 17.87
C VAL B 52 -23.50 8.74 17.36
N VAL B 53 -23.72 7.66 18.10
CA VAL B 53 -24.68 6.64 17.72
C VAL B 53 -26.00 6.82 18.47
N THR B 54 -27.10 6.87 17.72
CA THR B 54 -28.43 7.01 18.31
C THR B 54 -29.39 5.98 17.71
N GLY B 55 -30.48 5.71 18.41
CA GLY B 55 -31.47 4.77 17.93
C GLY B 55 -31.04 3.33 18.09
N ARG B 56 -31.86 2.41 17.62
CA ARG B 56 -31.58 0.99 17.78
C ARG B 56 -30.83 0.44 16.57
N HIS B 57 -29.67 -0.15 16.81
CA HIS B 57 -28.85 -0.71 15.75
C HIS B 57 -28.14 -1.98 16.23
N THR B 58 -27.81 -2.86 15.29
CA THR B 58 -26.92 -3.97 15.59
C THR B 58 -25.49 -3.44 15.56
N LEU B 59 -24.57 -4.14 16.23
CA LEU B 59 -23.17 -3.74 16.22
C LEU B 59 -22.64 -3.75 14.79
N ASP B 60 -23.06 -4.75 14.02
CA ASP B 60 -22.67 -4.87 12.63
C ASP B 60 -23.15 -3.67 11.83
N ASP B 61 -24.33 -3.16 12.14
CA ASP B 61 -24.87 -2.00 11.44
C ASP B 61 -23.98 -0.78 11.67
N VAL B 62 -23.65 -0.55 12.93
CA VAL B 62 -22.80 0.57 13.32
C VAL B 62 -21.42 0.49 12.67
N GLN B 63 -20.77 -0.66 12.84
CA GLN B 63 -19.42 -0.85 12.33
C GLN B 63 -19.38 -0.78 10.81
N GLU B 64 -20.36 -1.39 10.15
CA GLU B 64 -20.44 -1.33 8.69
C GLU B 64 -20.72 0.08 8.21
N THR B 65 -21.46 0.85 9.00
CA THR B 65 -21.74 2.24 8.64
C THR B 65 -20.46 3.08 8.69
N VAL B 66 -19.77 3.01 9.83
CA VAL B 66 -18.50 3.73 9.99
C VAL B 66 -17.48 3.32 8.93
N ASN B 67 -17.39 2.01 8.71
CA ASN B 67 -16.55 1.47 7.64
C ASN B 67 -16.95 2.05 6.29
N SER B 68 -18.25 2.24 6.07
CA SER B 68 -18.73 2.84 4.82
C SER B 68 -18.24 4.29 4.71
N SER B 69 -18.20 5.00 5.83
CA SER B 69 -17.67 6.36 5.83
C SER B 69 -16.19 6.38 5.43
N TYR B 70 -15.39 5.56 6.09
CA TYR B 70 -13.97 5.47 5.79
C TYR B 70 -13.70 5.05 4.35
N VAL B 71 -14.44 4.05 3.88
CA VAL B 71 -14.32 3.57 2.51
C VAL B 71 -14.69 4.65 1.51
N PHE B 72 -15.72 5.44 1.84
CA PHE B 72 -16.11 6.56 1.00
C PHE B 72 -14.95 7.54 0.86
N ASP B 73 -14.38 7.92 2.00
CA ASP B 73 -13.25 8.85 2.02
C ASP B 73 -12.09 8.31 1.20
N THR B 74 -11.83 7.01 1.32
CA THR B 74 -10.75 6.37 0.57
C THR B 74 -11.02 6.38 -0.93
N VAL B 75 -12.28 6.19 -1.31
CA VAL B 75 -12.68 6.17 -2.70
C VAL B 75 -12.47 7.55 -3.32
N ILE B 76 -12.90 8.59 -2.62
CA ILE B 76 -12.71 9.95 -3.11
C ILE B 76 -11.23 10.32 -3.19
N ASP B 77 -10.45 9.90 -2.18
CA ASP B 77 -9.04 10.22 -2.15
C ASP B 77 -8.27 9.51 -3.26
N SER B 78 -8.80 8.39 -3.74
CA SER B 78 -8.13 7.65 -4.81
C SER B 78 -8.88 7.81 -6.13
N LEU B 79 -9.44 8.99 -6.35
CA LEU B 79 -10.03 9.30 -7.65
C LEU B 79 -8.93 9.45 -8.71
N LYS B 80 -9.30 9.20 -9.96
CA LYS B 80 -8.40 9.30 -11.12
C LYS B 80 -7.35 8.18 -11.10
N GLU B 81 -7.35 7.41 -10.02
CA GLU B 81 -6.49 6.26 -9.87
C GLU B 81 -7.11 5.04 -10.56
N LYS B 82 -6.28 4.15 -11.09
CA LYS B 82 -6.78 2.96 -11.75
C LYS B 82 -7.25 1.87 -10.79
N ILE B 83 -8.38 1.25 -11.12
CA ILE B 83 -8.95 0.16 -10.32
C ILE B 83 -8.20 -1.15 -10.52
N THR B 84 -7.68 -1.70 -9.43
CA THR B 84 -6.95 -2.97 -9.47
C THR B 84 -7.52 -3.96 -8.46
N HIS B 85 -7.05 -5.20 -8.53
CA HIS B 85 -7.53 -6.26 -7.66
C HIS B 85 -7.20 -5.96 -6.19
N ASN B 86 -5.96 -5.52 -5.95
CA ASN B 86 -5.55 -5.15 -4.61
C ASN B 86 -6.31 -3.94 -4.09
N PHE B 87 -6.70 -3.06 -5.01
CA PHE B 87 -7.52 -1.90 -4.66
C PHE B 87 -8.90 -2.34 -4.17
N LEU B 88 -9.55 -3.19 -4.96
CA LEU B 88 -10.87 -3.70 -4.61
C LEU B 88 -10.84 -4.51 -3.31
N ARG B 89 -9.79 -5.31 -3.15
CA ARG B 89 -9.62 -6.12 -1.94
C ARG B 89 -9.40 -5.20 -0.75
N ASN B 90 -8.70 -4.09 -0.98
CA ASN B 90 -8.51 -3.07 0.04
C ASN B 90 -9.85 -2.47 0.47
N LEU B 91 -10.69 -2.14 -0.52
CA LEU B 91 -12.01 -1.60 -0.25
C LEU B 91 -12.86 -2.58 0.55
N HIS B 92 -12.74 -3.86 0.19
CA HIS B 92 -13.49 -4.91 0.87
C HIS B 92 -13.04 -5.06 2.33
N SER B 93 -11.73 -5.17 2.55
CA SER B 93 -11.21 -5.35 3.89
C SER B 93 -11.50 -4.12 4.75
N SER B 94 -11.54 -2.96 4.13
CA SER B 94 -11.87 -1.73 4.84
C SER B 94 -13.36 -1.71 5.17
N LEU B 95 -14.14 -2.40 4.34
CA LEU B 95 -15.59 -2.42 4.50
C LEU B 95 -16.08 -3.40 5.58
N ILE B 96 -15.45 -4.57 5.65
CA ILE B 96 -15.89 -5.60 6.59
C ILE B 96 -15.08 -5.65 7.88
N PHE B 97 -14.31 -4.60 8.16
CA PHE B 97 -13.47 -4.57 9.35
C PHE B 97 -14.30 -4.64 10.64
N ASN B 98 -13.86 -5.50 11.55
CA ASN B 98 -14.49 -5.69 12.86
C ASN B 98 -15.99 -6.02 12.74
N THR B 99 -16.29 -7.08 12.00
CA THR B 99 -17.66 -7.55 11.80
C THR B 99 -17.69 -9.06 12.01
N THR B 100 -18.87 -9.67 11.94
CA THR B 100 -18.98 -11.11 12.19
C THR B 100 -18.32 -12.00 11.11
N LEU B 101 -17.61 -11.39 10.17
CA LEU B 101 -16.83 -12.13 9.19
C LEU B 101 -15.35 -12.02 9.51
N HIS B 102 -14.95 -10.84 9.96
CA HIS B 102 -13.55 -10.56 10.31
C HIS B 102 -13.45 -9.94 11.70
N GLU B 131 -11.26 -14.28 -10.32
CA GLU B 131 -10.09 -13.42 -10.44
C GLU B 131 -9.65 -13.16 -11.90
N PRO B 132 -9.59 -14.21 -12.74
CA PRO B 132 -9.20 -13.91 -14.13
C PRO B 132 -10.28 -13.11 -14.85
N LYS B 133 -11.53 -13.48 -14.61
CA LYS B 133 -12.68 -12.81 -15.21
C LYS B 133 -12.70 -11.34 -14.78
N LEU B 134 -12.31 -11.11 -13.52
CA LEU B 134 -12.26 -9.78 -12.96
C LEU B 134 -11.20 -8.93 -13.66
N ASP B 135 -10.02 -9.51 -13.85
CA ASP B 135 -8.95 -8.84 -14.57
C ASP B 135 -9.40 -8.49 -15.98
N GLU B 136 -10.10 -9.44 -16.61
CA GLU B 136 -10.65 -9.25 -17.95
C GLU B 136 -11.58 -8.05 -17.99
N LEU B 137 -12.43 -7.95 -16.97
CA LEU B 137 -13.37 -6.84 -16.85
C LEU B 137 -12.65 -5.51 -16.69
N ILE B 138 -11.62 -5.50 -15.83
CA ILE B 138 -10.86 -4.28 -15.56
C ILE B 138 -10.13 -3.79 -16.81
N GLU B 139 -9.42 -4.70 -17.47
CA GLU B 139 -8.70 -4.37 -18.70
C GLU B 139 -9.67 -3.88 -19.76
N TRP B 140 -10.83 -4.52 -19.83
CA TRP B 140 -11.88 -4.09 -20.75
C TRP B 140 -12.30 -2.65 -20.46
N TYR B 141 -12.42 -2.33 -19.17
CA TYR B 141 -12.82 -0.98 -18.78
C TYR B 141 -11.76 0.05 -19.14
N TYR B 142 -10.50 -0.28 -18.89
CA TYR B 142 -9.41 0.67 -19.12
C TYR B 142 -8.82 0.57 -20.53
N SER B 143 -9.50 -0.13 -21.42
CA SER B 143 -9.13 -0.10 -22.82
C SER B 143 -10.10 0.75 -23.63
N GLN B 144 -11.16 1.22 -22.97
CA GLN B 144 -12.17 2.04 -23.63
C GLN B 144 -11.74 3.48 -23.87
N SER B 145 -12.02 3.97 -25.07
CA SER B 145 -11.72 5.35 -25.47
C SER B 145 -12.55 6.36 -24.69
N GLU B 146 -13.83 6.03 -24.52
CA GLU B 146 -14.76 6.90 -23.82
C GLU B 146 -15.58 6.16 -22.76
N VAL B 147 -15.89 6.84 -21.66
CA VAL B 147 -16.72 6.24 -20.62
C VAL B 147 -18.09 6.90 -20.61
N SER B 148 -19.14 6.09 -20.58
CA SER B 148 -20.51 6.59 -20.56
C SER B 148 -21.35 5.79 -19.57
N ILE B 149 -22.62 6.15 -19.45
CA ILE B 149 -23.54 5.45 -18.57
C ILE B 149 -23.67 3.97 -18.97
N LYS B 150 -23.54 3.71 -20.27
CA LYS B 150 -23.59 2.35 -20.79
C LYS B 150 -22.43 1.51 -20.26
N VAL B 151 -21.24 2.10 -20.26
CA VAL B 151 -20.04 1.43 -19.74
C VAL B 151 -20.17 1.18 -18.24
N ILE B 152 -20.71 2.17 -17.53
CA ILE B 152 -20.87 2.07 -16.09
C ILE B 152 -21.83 0.93 -15.74
N ALA B 153 -22.93 0.87 -16.49
CA ALA B 153 -23.95 -0.15 -16.27
C ALA B 153 -23.43 -1.55 -16.62
N GLU B 154 -22.73 -1.66 -17.75
CA GLU B 154 -22.17 -2.93 -18.16
C GLU B 154 -21.14 -3.45 -17.16
N PHE B 155 -20.27 -2.55 -16.71
CA PHE B 155 -19.30 -2.87 -15.68
C PHE B 155 -20.00 -3.31 -14.41
N HIS B 156 -21.11 -2.64 -14.10
CA HIS B 156 -21.87 -2.94 -12.89
C HIS B 156 -22.44 -4.35 -12.93
N TYR B 157 -23.17 -4.67 -13.99
CA TYR B 157 -23.79 -5.98 -14.11
C TYR B 157 -22.76 -7.09 -14.19
N ARG B 158 -21.67 -6.85 -14.93
CA ARG B 158 -20.63 -7.86 -15.05
C ARG B 158 -19.96 -8.08 -13.69
N PHE B 159 -19.79 -7.00 -12.95
CA PHE B 159 -19.20 -7.07 -11.62
C PHE B 159 -20.09 -7.87 -10.68
N GLU B 160 -21.40 -7.63 -10.76
CA GLU B 160 -22.35 -8.36 -9.94
C GLU B 160 -22.41 -9.83 -10.35
N LEU B 161 -22.16 -10.10 -11.63
CA LEU B 161 -22.19 -11.45 -12.16
C LEU B 161 -20.99 -12.25 -11.67
N ILE B 162 -19.81 -11.63 -11.69
CA ILE B 162 -18.60 -12.28 -11.20
C ILE B 162 -18.72 -12.56 -9.70
N HIS B 163 -19.25 -11.57 -8.97
CA HIS B 163 -19.47 -11.70 -7.53
C HIS B 163 -18.19 -12.15 -6.81
N PRO B 164 -17.11 -11.35 -6.93
CA PRO B 164 -15.79 -11.76 -6.42
C PRO B 164 -15.73 -11.96 -4.91
N PHE B 165 -16.53 -11.23 -4.16
CA PHE B 165 -16.49 -11.30 -2.70
C PHE B 165 -17.69 -12.08 -2.15
N GLN B 166 -17.49 -12.68 -0.97
CA GLN B 166 -18.56 -13.43 -0.31
C GLN B 166 -19.72 -12.51 0.07
N ASP B 167 -19.38 -11.34 0.60
CA ASP B 167 -20.38 -10.35 0.98
C ASP B 167 -19.85 -8.95 0.68
N GLY B 168 -20.76 -7.98 0.57
CA GLY B 168 -20.39 -6.59 0.33
C GLY B 168 -20.20 -6.21 -1.12
N ASN B 169 -20.54 -7.12 -2.03
CA ASN B 169 -20.40 -6.88 -3.46
C ASN B 169 -21.22 -5.71 -3.99
N GLY B 170 -22.41 -5.53 -3.42
CA GLY B 170 -23.28 -4.43 -3.82
C GLY B 170 -22.66 -3.10 -3.44
N ARG B 171 -22.15 -3.03 -2.21
CA ARG B 171 -21.55 -1.82 -1.68
C ARG B 171 -20.30 -1.43 -2.46
N ILE B 172 -19.40 -2.39 -2.61
CA ILE B 172 -18.16 -2.20 -3.35
C ILE B 172 -18.47 -1.78 -4.79
N GLY B 173 -19.45 -2.47 -5.39
CA GLY B 173 -19.86 -2.18 -6.75
C GLY B 173 -20.38 -0.78 -6.95
N ARG B 174 -21.23 -0.33 -6.02
CA ARG B 174 -21.79 1.01 -6.09
C ARG B 174 -20.71 2.07 -5.85
N PHE B 175 -19.75 1.74 -4.99
CA PHE B 175 -18.61 2.62 -4.79
C PHE B 175 -17.84 2.78 -6.09
N VAL B 176 -17.59 1.66 -6.77
CA VAL B 176 -16.92 1.68 -8.07
C VAL B 176 -17.71 2.49 -9.09
N MET B 177 -19.03 2.35 -9.07
CA MET B 177 -19.89 3.10 -9.97
C MET B 177 -19.71 4.60 -9.75
N LEU B 178 -19.78 5.02 -8.49
CA LEU B 178 -19.61 6.42 -8.14
C LEU B 178 -18.23 6.93 -8.55
N LYS B 179 -17.21 6.10 -8.35
CA LYS B 179 -15.85 6.44 -8.73
C LYS B 179 -15.75 6.70 -10.23
N GLN B 180 -16.31 5.79 -11.02
CA GLN B 180 -16.28 5.90 -12.46
C GLN B 180 -17.04 7.13 -12.95
N MET B 181 -18.18 7.40 -12.32
CA MET B 181 -18.98 8.57 -12.67
C MET B 181 -18.20 9.85 -12.40
N LEU B 182 -17.54 9.90 -11.23
CA LEU B 182 -16.79 11.08 -10.82
C LEU B 182 -15.59 11.33 -11.72
N GLU B 183 -14.87 10.25 -12.07
CA GLU B 183 -13.65 10.34 -12.86
C GLU B 183 -13.88 10.93 -14.25
N ASN B 184 -15.02 10.62 -14.85
CA ASN B 184 -15.28 11.02 -16.23
C ASN B 184 -16.30 12.15 -16.38
N ASN B 185 -16.54 12.88 -15.30
CA ASN B 185 -17.44 14.03 -15.30
C ASN B 185 -18.84 13.65 -15.81
N LEU B 186 -19.19 12.38 -15.65
CA LEU B 186 -20.51 11.88 -16.04
C LEU B 186 -21.54 12.33 -15.02
N PRO B 187 -22.83 12.31 -15.39
CA PRO B 187 -23.85 12.67 -14.40
C PRO B 187 -23.80 11.76 -13.18
N ILE B 188 -23.89 12.34 -11.98
CA ILE B 188 -23.79 11.57 -10.76
C ILE B 188 -25.18 11.08 -10.34
N LYS B 189 -25.42 9.79 -10.53
CA LYS B 189 -26.69 9.19 -10.16
C LYS B 189 -26.54 8.19 -9.02
N ILE B 190 -27.16 8.51 -7.90
CA ILE B 190 -27.06 7.65 -6.72
C ILE B 190 -28.20 6.64 -6.70
N VAL B 191 -27.84 5.36 -6.67
CA VAL B 191 -28.83 4.30 -6.58
C VAL B 191 -29.59 4.45 -5.27
N SER B 192 -30.90 4.65 -5.37
CA SER B 192 -31.71 5.01 -4.22
C SER B 192 -32.54 3.85 -3.69
N TRP B 193 -32.68 3.80 -2.37
CA TRP B 193 -33.45 2.76 -1.69
C TRP B 193 -34.94 2.78 -2.01
N ASP B 194 -35.49 3.97 -2.29
CA ASP B 194 -36.88 4.08 -2.69
C ASP B 194 -37.10 3.29 -3.98
N SER B 195 -36.12 3.43 -4.87
CA SER B 195 -36.13 2.83 -6.20
C SER B 195 -35.44 1.47 -6.24
N GLU B 196 -34.94 1.01 -5.10
CA GLU B 196 -34.09 -0.18 -5.05
C GLU B 196 -34.78 -1.47 -5.47
N ASP B 197 -36.11 -1.46 -5.49
CA ASP B 197 -36.83 -2.64 -5.94
C ASP B 197 -36.73 -2.63 -7.46
N LEU B 198 -36.81 -1.43 -8.03
CA LEU B 198 -36.68 -1.24 -9.47
C LEU B 198 -35.24 -1.54 -9.88
N TYR B 199 -34.30 -1.23 -8.99
CA TYR B 199 -32.89 -1.51 -9.23
C TYR B 199 -32.65 -3.00 -9.32
N ARG B 200 -33.14 -3.73 -8.33
CA ARG B 200 -32.93 -5.18 -8.28
C ARG B 200 -33.66 -5.87 -9.44
N ASN B 201 -34.88 -5.43 -9.74
CA ASN B 201 -35.64 -6.02 -10.85
C ASN B 201 -35.03 -5.73 -12.22
N SER B 202 -34.54 -4.51 -12.40
CA SER B 202 -33.86 -4.13 -13.63
C SER B 202 -32.58 -4.95 -13.78
N LEU B 203 -31.90 -5.16 -12.66
CA LEU B 203 -30.72 -6.00 -12.63
C LEU B 203 -31.08 -7.44 -13.03
N ASN B 204 -32.27 -7.87 -12.61
CA ASN B 204 -32.76 -9.22 -12.95
C ASN B 204 -33.03 -9.37 -14.43
N SER B 205 -33.66 -8.36 -15.03
CA SER B 205 -33.99 -8.38 -16.45
C SER B 205 -32.73 -8.36 -17.33
N CYS B 206 -31.65 -7.83 -16.77
CA CYS B 206 -30.36 -7.80 -17.48
C CYS B 206 -29.78 -9.19 -17.75
N SER B 207 -28.97 -9.27 -18.81
CA SER B 207 -28.19 -10.45 -19.13
C SER B 207 -26.93 -10.03 -19.86
N LEU B 208 -26.07 -10.99 -20.22
CA LEU B 208 -24.82 -10.65 -20.87
C LEU B 208 -25.07 -10.19 -22.30
N GLY B 209 -24.61 -8.98 -22.62
CA GLY B 209 -24.85 -8.40 -23.92
C GLY B 209 -26.07 -7.50 -23.89
N ASN B 210 -26.87 -7.64 -22.83
CA ASN B 210 -28.07 -6.84 -22.65
C ASN B 210 -28.09 -6.14 -21.29
N TYR B 211 -27.67 -4.87 -21.28
CA TYR B 211 -27.59 -4.12 -20.04
C TYR B 211 -28.56 -2.94 -20.11
N VAL B 212 -29.43 -2.97 -21.10
CA VAL B 212 -30.39 -1.90 -21.36
C VAL B 212 -31.32 -1.59 -20.18
N PRO B 213 -31.89 -2.61 -19.50
CA PRO B 213 -32.76 -2.26 -18.38
C PRO B 213 -32.05 -1.45 -17.30
N LEU B 214 -30.79 -1.79 -17.03
CA LEU B 214 -29.99 -1.06 -16.05
C LEU B 214 -29.72 0.37 -16.51
N ILE B 215 -29.48 0.53 -17.80
CA ILE B 215 -29.23 1.86 -18.38
C ILE B 215 -30.48 2.74 -18.27
N GLU B 216 -31.64 2.16 -18.56
CA GLU B 216 -32.91 2.86 -18.43
C GLU B 216 -33.12 3.24 -16.96
N TYR B 217 -32.74 2.31 -16.08
CA TYR B 217 -32.86 2.55 -14.64
C TYR B 217 -32.01 3.73 -14.17
N LEU B 218 -30.74 3.74 -14.58
CA LEU B 218 -29.83 4.81 -14.19
C LEU B 218 -30.30 6.14 -14.77
N SER B 219 -30.81 6.09 -16.00
CA SER B 219 -31.33 7.29 -16.65
C SER B 219 -32.56 7.84 -15.94
N SER B 220 -33.38 6.95 -15.39
CA SER B 220 -34.54 7.36 -14.60
C SER B 220 -34.13 8.20 -13.38
N LEU B 221 -32.95 7.90 -12.84
CA LEU B 221 -32.50 8.59 -11.63
C LEU B 221 -32.04 10.00 -11.93
N GLU B 222 -32.32 10.93 -11.02
CA GLU B 222 -31.88 12.31 -11.15
C GLU B 222 -30.38 12.48 -10.93
N ASP B 223 -29.81 13.42 -11.68
CA ASP B 223 -28.39 13.78 -11.53
C ASP B 223 -28.17 14.57 -10.25
N PHE B 224 -27.29 14.05 -9.39
CA PHE B 224 -27.03 14.65 -8.09
C PHE B 224 -26.47 16.07 -8.23
N ARG B 225 -25.60 16.25 -9.21
CA ARG B 225 -25.09 17.57 -9.58
C ARG B 225 -26.19 18.59 -9.82
N GLU B 226 -27.24 18.18 -10.52
CA GLU B 226 -28.29 19.12 -10.94
C GLU B 226 -29.34 19.31 -9.86
N VAL B 227 -29.26 18.52 -8.80
CA VAL B 227 -30.16 18.66 -7.67
C VAL B 227 -29.61 19.67 -6.67
N TYR B 228 -28.29 19.64 -6.50
CA TYR B 228 -27.63 20.52 -5.54
C TYR B 228 -26.72 21.51 -6.27
N LYS B 229 -27.30 22.21 -7.24
CA LYS B 229 -26.58 23.19 -8.05
C LYS B 229 -26.13 24.37 -7.21
N MET B 230 -26.87 24.66 -6.15
CA MET B 230 -26.58 25.80 -5.29
C MET B 230 -25.20 25.66 -4.66
N LEU B 231 -24.82 24.43 -4.35
CA LEU B 231 -23.55 24.13 -3.71
C LEU B 231 -22.33 24.38 -4.60
N TRP B 232 -22.43 24.10 -5.90
CA TRP B 232 -21.27 24.25 -6.78
C TRP B 232 -21.44 25.22 -7.96
N LYS B 233 -22.62 25.23 -8.59
CA LYS B 233 -22.81 25.96 -9.84
C LYS B 233 -22.73 27.49 -9.70
N LEU B 234 -22.96 28.18 -10.82
CA LEU B 234 -22.80 29.63 -10.91
C LEU B 234 -21.41 30.07 -10.48
N SER C 4 9.39 3.21 -8.46
CA SER C 4 9.49 3.62 -7.07
C SER C 4 10.07 2.51 -6.20
N PHE C 5 9.88 1.26 -6.65
CA PHE C 5 10.45 0.10 -5.97
C PHE C 5 11.97 0.19 -5.91
N LEU C 6 12.56 0.61 -7.02
CA LEU C 6 14.00 0.77 -7.11
C LEU C 6 14.51 1.79 -6.10
N ASP C 7 13.78 2.90 -5.97
CA ASP C 7 14.13 3.94 -5.02
C ASP C 7 14.18 3.40 -3.59
N LYS C 8 13.17 2.61 -3.23
CA LYS C 8 13.11 2.00 -1.91
C LYS C 8 14.26 1.02 -1.71
N LEU C 9 14.58 0.28 -2.76
CA LEU C 9 15.69 -0.67 -2.72
C LEU C 9 17.02 0.02 -2.46
N ILE C 10 17.26 1.13 -3.17
CA ILE C 10 18.51 1.89 -3.04
C ILE C 10 18.60 2.62 -1.71
N GLU C 11 17.51 3.20 -1.23
CA GLU C 11 17.52 3.91 0.04
C GLU C 11 17.77 2.94 1.19
N THR C 12 17.25 1.72 1.07
CA THR C 12 17.39 0.73 2.12
C THR C 12 18.65 -0.12 1.94
N LYS C 13 19.49 0.29 0.99
CA LYS C 13 20.73 -0.44 0.70
C LYS C 13 21.63 -0.46 1.92
N GLU C 14 21.74 0.69 2.57
CA GLU C 14 22.63 0.86 3.70
C GLU C 14 21.93 0.37 4.97
N LEU C 15 20.60 0.28 4.92
CA LEU C 15 19.86 -0.18 6.07
C LEU C 15 19.90 -1.70 6.14
N LYS C 16 19.94 -2.24 7.35
CA LYS C 16 20.02 -3.69 7.54
C LYS C 16 18.68 -4.33 7.85
N ASN C 17 18.60 -5.62 7.56
CA ASN C 17 17.36 -6.39 7.57
C ASN C 17 16.33 -5.52 6.85
N SER C 18 16.70 -5.14 5.63
CA SER C 18 15.89 -4.30 4.77
C SER C 18 15.59 -5.03 3.47
N LEU C 19 14.80 -4.39 2.61
CA LEU C 19 14.44 -4.96 1.32
C LEU C 19 15.67 -5.41 0.53
N TYR C 20 16.73 -4.59 0.57
CA TYR C 20 17.98 -4.90 -0.09
C TYR C 20 18.60 -6.19 0.42
N ASN C 21 18.74 -6.29 1.74
CA ASN C 21 19.37 -7.47 2.35
C ASN C 21 18.52 -8.72 2.22
N VAL C 22 17.20 -8.57 2.23
CA VAL C 22 16.30 -9.70 2.03
C VAL C 22 16.43 -10.22 0.61
N LEU C 23 16.38 -9.32 -0.36
CA LEU C 23 16.52 -9.71 -1.76
C LEU C 23 17.86 -10.38 -1.99
N LYS C 24 18.91 -9.76 -1.47
CA LYS C 24 20.27 -10.29 -1.59
C LYS C 24 20.36 -11.69 -0.99
N HIS C 25 19.79 -11.86 0.19
CA HIS C 25 19.82 -13.14 0.90
C HIS C 25 19.13 -14.22 0.09
N ASN C 26 17.89 -13.96 -0.31
CA ASN C 26 17.09 -14.93 -1.04
C ASN C 26 17.74 -15.32 -2.38
N PHE C 27 18.06 -14.30 -3.17
CA PHE C 27 18.64 -14.52 -4.49
C PHE C 27 19.96 -15.27 -4.40
N LEU C 28 20.87 -14.80 -3.54
CA LEU C 28 22.17 -15.46 -3.42
C LEU C 28 22.04 -16.89 -2.88
N TYR C 29 21.12 -17.09 -1.95
CA TYR C 29 20.88 -18.43 -1.39
C TYR C 29 20.48 -19.40 -2.49
N HIS C 30 19.44 -19.07 -3.24
CA HIS C 30 18.97 -19.98 -4.28
C HIS C 30 19.98 -20.12 -5.44
N SER C 31 20.45 -18.99 -5.94
CA SER C 31 21.39 -18.96 -7.07
C SER C 31 22.67 -19.74 -6.77
N ASN C 32 23.19 -19.60 -5.56
CA ASN C 32 24.38 -20.35 -5.17
C ASN C 32 24.10 -21.82 -4.90
N LYS C 33 22.94 -22.11 -4.30
CA LYS C 33 22.61 -23.50 -4.00
C LYS C 33 22.42 -24.31 -5.28
N ILE C 34 21.93 -23.67 -6.33
CA ILE C 34 21.78 -24.34 -7.62
C ILE C 34 23.14 -24.80 -8.15
N GLU C 35 24.18 -24.01 -7.90
CA GLU C 35 25.50 -24.31 -8.43
C GLU C 35 26.30 -25.24 -7.51
N GLY C 36 25.72 -25.62 -6.39
CA GLY C 36 26.33 -26.61 -5.50
C GLY C 36 26.83 -26.09 -4.17
N SER C 37 26.47 -24.86 -3.82
CA SER C 37 26.85 -24.29 -2.53
C SER C 37 26.16 -25.01 -1.37
N THR C 38 26.89 -25.18 -0.27
CA THR C 38 26.37 -25.92 0.89
C THR C 38 25.98 -25.00 2.04
N PHE C 39 25.92 -23.70 1.78
CA PHE C 39 25.49 -22.73 2.79
C PHE C 39 23.98 -22.80 3.08
N THR C 40 23.64 -22.93 4.36
CA THR C 40 22.24 -22.88 4.78
C THR C 40 21.78 -21.43 4.82
N THR C 41 20.49 -21.22 5.08
CA THR C 41 19.93 -19.88 5.11
C THR C 41 20.50 -19.06 6.26
N GLU C 42 20.63 -19.68 7.43
CA GLU C 42 21.16 -19.00 8.60
C GLU C 42 22.67 -18.77 8.48
N ALA C 43 23.37 -19.72 7.87
CA ALA C 43 24.80 -19.60 7.66
C ALA C 43 25.11 -18.47 6.67
N LEU C 44 24.33 -18.41 5.60
CA LEU C 44 24.48 -17.36 4.59
C LEU C 44 24.14 -16.02 5.20
N ALA C 45 23.08 -15.99 6.00
CA ALA C 45 22.69 -14.76 6.67
C ALA C 45 23.83 -14.30 7.57
N LEU C 46 24.43 -15.22 8.30
CA LEU C 46 25.53 -14.91 9.19
C LEU C 46 26.75 -14.38 8.42
N LEU C 47 27.03 -14.98 7.27
CA LEU C 47 28.18 -14.59 6.46
C LEU C 47 28.00 -13.20 5.85
N LEU C 48 26.80 -12.93 5.33
CA LEU C 48 26.52 -11.64 4.71
C LEU C 48 26.47 -10.54 5.76
N ASP C 49 25.88 -10.87 6.91
CA ASP C 49 25.63 -9.91 7.96
C ASP C 49 26.86 -9.57 8.82
N LYS C 50 27.55 -10.60 9.27
CA LYS C 50 28.64 -10.42 10.25
C LYS C 50 30.01 -10.90 9.76
N ASN C 51 30.09 -11.32 8.49
CA ASN C 51 31.32 -11.87 7.92
C ASN C 51 31.85 -13.07 8.70
N VAL C 52 30.96 -14.02 8.99
CA VAL C 52 31.33 -15.20 9.75
C VAL C 52 31.00 -16.49 8.99
N VAL C 53 31.97 -17.39 8.92
CA VAL C 53 31.79 -18.67 8.22
C VAL C 53 31.49 -19.81 9.19
N THR C 54 30.42 -20.54 8.93
CA THR C 54 30.04 -21.69 9.77
C THR C 54 29.74 -22.92 8.95
N GLY C 55 29.81 -24.09 9.58
CA GLY C 55 29.52 -25.34 8.90
C GLY C 55 30.65 -25.84 8.02
N ARG C 56 30.40 -26.95 7.31
CA ARG C 56 31.39 -27.56 6.45
C ARG C 56 31.33 -27.02 5.03
N HIS C 57 32.46 -26.49 4.56
CA HIS C 57 32.54 -25.94 3.22
C HIS C 57 33.93 -26.14 2.62
N THR C 58 34.00 -26.22 1.30
CA THR C 58 35.27 -26.14 0.61
C THR C 58 35.67 -24.67 0.55
N LEU C 59 36.95 -24.39 0.36
CA LEU C 59 37.41 -23.01 0.25
C LEU C 59 36.75 -22.32 -0.95
N ASP C 60 36.59 -23.08 -2.03
CA ASP C 60 35.94 -22.59 -3.23
C ASP C 60 34.49 -22.19 -2.97
N ASP C 61 33.81 -22.94 -2.12
CA ASP C 61 32.41 -22.63 -1.78
C ASP C 61 32.30 -21.27 -1.08
N VAL C 62 33.12 -21.08 -0.06
CA VAL C 62 33.14 -19.84 0.71
C VAL C 62 33.50 -18.66 -0.19
N GLN C 63 34.59 -18.81 -0.93
CA GLN C 63 35.09 -17.74 -1.77
C GLN C 63 34.08 -17.36 -2.85
N GLU C 64 33.46 -18.37 -3.46
CA GLU C 64 32.44 -18.13 -4.47
C GLU C 64 31.20 -17.47 -3.87
N THR C 65 30.91 -17.78 -2.62
CA THR C 65 29.77 -17.15 -1.94
C THR C 65 30.02 -15.65 -1.70
N VAL C 66 31.17 -15.35 -1.08
CA VAL C 66 31.54 -13.96 -0.84
C VAL C 66 31.62 -13.17 -2.14
N ASN C 67 32.24 -13.79 -3.14
CA ASN C 67 32.30 -13.22 -4.47
C ASN C 67 30.90 -12.96 -5.02
N SER C 68 29.96 -13.85 -4.73
CA SER C 68 28.58 -13.68 -5.16
C SER C 68 27.97 -12.45 -4.50
N SER C 69 28.33 -12.22 -3.23
CA SER C 69 27.89 -11.03 -2.54
C SER C 69 28.41 -9.75 -3.23
N TYR C 70 29.72 -9.73 -3.47
CA TYR C 70 30.35 -8.59 -4.12
C TYR C 70 29.75 -8.32 -5.50
N VAL C 71 29.55 -9.39 -6.26
CA VAL C 71 28.96 -9.30 -7.60
C VAL C 71 27.54 -8.78 -7.53
N PHE C 72 26.78 -9.22 -6.54
CA PHE C 72 25.42 -8.73 -6.35
C PHE C 72 25.44 -7.22 -6.15
N ASP C 73 26.28 -6.77 -5.22
CA ASP C 73 26.41 -5.34 -4.95
C ASP C 73 26.79 -4.57 -6.21
N THR C 74 27.71 -5.13 -6.99
CA THR C 74 28.15 -4.51 -8.23
C THR C 74 27.04 -4.43 -9.27
N VAL C 75 26.21 -5.47 -9.32
CA VAL C 75 25.11 -5.54 -10.26
C VAL C 75 24.08 -4.47 -9.93
N ILE C 76 23.74 -4.36 -8.65
CA ILE C 76 22.80 -3.32 -8.23
C ILE C 76 23.38 -1.93 -8.46
N ASP C 77 24.67 -1.76 -8.17
CA ASP C 77 25.33 -0.47 -8.33
C ASP C 77 25.46 -0.05 -9.79
N SER C 78 25.53 -1.02 -10.69
CA SER C 78 25.72 -0.74 -12.11
C SER C 78 24.43 -0.99 -12.88
N LEU C 79 23.30 -0.66 -12.25
CA LEU C 79 22.03 -0.69 -12.94
C LEU C 79 22.03 0.42 -13.99
N LYS C 80 21.19 0.25 -15.01
CA LYS C 80 21.07 1.19 -16.13
C LYS C 80 22.28 1.11 -17.07
N GLU C 81 23.26 0.29 -16.72
CA GLU C 81 24.42 0.10 -17.58
C GLU C 81 24.13 -0.83 -18.75
N LYS C 82 24.81 -0.59 -19.85
CA LYS C 82 24.66 -1.43 -21.03
C LYS C 82 25.40 -2.74 -20.82
N ILE C 83 24.76 -3.84 -21.21
CA ILE C 83 25.41 -5.13 -21.12
C ILE C 83 26.39 -5.30 -22.25
N THR C 84 27.66 -5.47 -21.90
CA THR C 84 28.71 -5.65 -22.90
C THR C 84 29.51 -6.88 -22.56
N HIS C 85 30.37 -7.30 -23.48
CA HIS C 85 31.16 -8.51 -23.28
C HIS C 85 32.11 -8.31 -22.10
N ASN C 86 32.79 -7.16 -22.07
CA ASN C 86 33.69 -6.83 -20.98
C ASN C 86 32.98 -6.60 -19.65
N PHE C 87 31.72 -6.16 -19.72
CA PHE C 87 30.89 -6.02 -18.53
C PHE C 87 30.68 -7.39 -17.91
N LEU C 88 30.23 -8.31 -18.75
CA LEU C 88 29.96 -9.67 -18.33
C LEU C 88 31.23 -10.34 -17.81
N ARG C 89 32.35 -10.11 -18.48
CA ARG C 89 33.64 -10.65 -18.05
C ARG C 89 34.13 -10.03 -16.73
N ASN C 90 33.83 -8.77 -16.49
CA ASN C 90 34.13 -8.19 -15.19
C ASN C 90 33.34 -8.90 -14.10
N LEU C 91 32.05 -9.10 -14.38
CA LEU C 91 31.18 -9.80 -13.44
C LEU C 91 31.69 -11.21 -13.19
N HIS C 92 32.19 -11.85 -14.25
CA HIS C 92 32.74 -13.19 -14.20
C HIS C 92 34.01 -13.26 -13.36
N SER C 93 34.94 -12.37 -13.66
CA SER C 93 36.23 -12.33 -13.00
C SER C 93 36.07 -12.03 -11.52
N SER C 94 35.00 -11.32 -11.16
CA SER C 94 34.75 -11.04 -9.75
C SER C 94 34.29 -12.30 -9.00
N LEU C 95 33.66 -13.23 -9.72
CA LEU C 95 33.14 -14.46 -9.10
C LEU C 95 34.18 -15.54 -8.88
N ILE C 96 35.11 -15.68 -9.83
CA ILE C 96 36.09 -16.75 -9.77
C ILE C 96 37.42 -16.29 -9.17
N PHE C 97 37.37 -15.14 -8.50
CA PHE C 97 38.54 -14.57 -7.84
C PHE C 97 39.04 -15.45 -6.69
N ASN C 98 40.36 -15.65 -6.65
CA ASN C 98 41.00 -16.44 -5.59
C ASN C 98 40.41 -17.84 -5.43
N THR C 99 40.43 -18.62 -6.50
CA THR C 99 39.91 -19.98 -6.49
C THR C 99 40.86 -20.96 -7.17
N GLU C 129 33.73 -17.29 -32.39
CA GLU C 129 32.64 -18.25 -32.33
C GLU C 129 31.75 -17.98 -31.11
N VAL C 130 32.37 -17.55 -30.02
CA VAL C 130 31.67 -17.27 -28.78
C VAL C 130 31.19 -15.82 -28.75
N GLU C 131 32.10 -14.92 -29.10
CA GLU C 131 31.86 -13.47 -29.08
C GLU C 131 30.77 -12.96 -30.05
N PRO C 132 30.75 -13.45 -31.32
CA PRO C 132 29.74 -12.89 -32.22
C PRO C 132 28.29 -13.20 -31.84
N LYS C 133 27.99 -14.42 -31.42
CA LYS C 133 26.63 -14.73 -30.97
C LYS C 133 26.24 -13.90 -29.76
N LEU C 134 27.18 -13.65 -28.87
CA LEU C 134 26.92 -12.86 -27.68
C LEU C 134 26.61 -11.39 -28.05
N ASP C 135 27.43 -10.82 -28.93
CA ASP C 135 27.19 -9.45 -29.39
C ASP C 135 25.86 -9.32 -30.14
N GLU C 136 25.57 -10.31 -30.97
CA GLU C 136 24.32 -10.37 -31.72
C GLU C 136 23.14 -10.43 -30.74
N LEU C 137 23.31 -11.22 -29.69
CA LEU C 137 22.30 -11.36 -28.65
C LEU C 137 22.06 -10.03 -27.95
N ILE C 138 23.13 -9.31 -27.66
CA ILE C 138 23.04 -8.01 -27.00
C ILE C 138 22.28 -7.03 -27.88
N GLU C 139 22.66 -6.94 -29.15
CA GLU C 139 21.98 -6.06 -30.09
C GLU C 139 20.49 -6.42 -30.20
N TRP C 140 20.20 -7.71 -30.23
CA TRP C 140 18.82 -8.20 -30.23
C TRP C 140 18.05 -7.72 -29.01
N TYR C 141 18.70 -7.78 -27.85
CA TYR C 141 18.06 -7.36 -26.60
C TYR C 141 17.78 -5.87 -26.62
N TYR C 142 18.74 -5.09 -27.09
CA TYR C 142 18.61 -3.64 -27.08
C TYR C 142 17.96 -3.11 -28.36
N SER C 143 17.39 -4.02 -29.15
CA SER C 143 16.58 -3.64 -30.30
C SER C 143 15.09 -3.84 -29.99
N GLN C 144 14.80 -4.38 -28.82
CA GLN C 144 13.44 -4.64 -28.40
C GLN C 144 12.74 -3.33 -28.04
N SER C 145 11.51 -3.16 -28.50
CA SER C 145 10.76 -1.93 -28.20
C SER C 145 10.48 -1.84 -26.71
N GLU C 146 10.03 -2.94 -26.13
CA GLU C 146 9.77 -3.01 -24.69
C GLU C 146 10.31 -4.34 -24.17
N VAL C 147 10.68 -4.39 -22.90
CA VAL C 147 11.23 -5.60 -22.32
C VAL C 147 10.21 -6.32 -21.45
N SER C 148 10.12 -7.64 -21.63
CA SER C 148 9.18 -8.47 -20.89
C SER C 148 9.84 -9.74 -20.40
N ILE C 149 9.07 -10.55 -19.68
CA ILE C 149 9.55 -11.84 -19.19
C ILE C 149 9.95 -12.76 -20.34
N LYS C 150 9.26 -12.61 -21.47
CA LYS C 150 9.55 -13.39 -22.67
C LYS C 150 10.95 -13.08 -23.20
N VAL C 151 11.28 -11.79 -23.24
CA VAL C 151 12.58 -11.33 -23.71
C VAL C 151 13.68 -11.80 -22.77
N ILE C 152 13.42 -11.69 -21.47
CA ILE C 152 14.39 -12.10 -20.46
C ILE C 152 14.65 -13.60 -20.52
N ALA C 153 13.59 -14.39 -20.69
CA ALA C 153 13.71 -15.84 -20.78
C ALA C 153 14.47 -16.27 -22.04
N GLU C 154 14.14 -15.65 -23.18
CA GLU C 154 14.84 -15.95 -24.42
C GLU C 154 16.33 -15.60 -24.32
N PHE C 155 16.60 -14.42 -23.75
CA PHE C 155 17.96 -13.97 -23.52
C PHE C 155 18.69 -14.96 -22.61
N HIS C 156 17.99 -15.47 -21.61
CA HIS C 156 18.58 -16.42 -20.67
C HIS C 156 18.95 -17.73 -21.35
N TYR C 157 18.00 -18.31 -22.08
CA TYR C 157 18.25 -19.58 -22.74
C TYR C 157 19.36 -19.44 -23.78
N ARG C 158 19.35 -18.34 -24.54
CA ARG C 158 20.38 -18.13 -25.55
C ARG C 158 21.75 -17.92 -24.93
N PHE C 159 21.78 -17.20 -23.81
CA PHE C 159 23.02 -16.95 -23.08
C PHE C 159 23.61 -18.25 -22.53
N GLU C 160 22.75 -19.08 -21.95
CA GLU C 160 23.17 -20.37 -21.43
C GLU C 160 23.59 -21.31 -22.55
N LEU C 161 22.97 -21.14 -23.71
CA LEU C 161 23.28 -21.97 -24.87
C LEU C 161 24.65 -21.64 -25.42
N ILE C 162 24.95 -20.34 -25.49
CA ILE C 162 26.27 -19.89 -25.93
C ILE C 162 27.32 -20.36 -24.94
N HIS C 163 27.01 -20.25 -23.65
CA HIS C 163 27.90 -20.64 -22.57
C HIS C 163 29.27 -19.95 -22.74
N PRO C 164 29.26 -18.60 -22.71
CA PRO C 164 30.48 -17.82 -23.01
C PRO C 164 31.61 -18.05 -22.01
N PHE C 165 31.27 -18.31 -20.76
CA PHE C 165 32.27 -18.46 -19.72
C PHE C 165 32.47 -19.93 -19.35
N GLN C 166 33.66 -20.25 -18.87
CA GLN C 166 34.00 -21.61 -18.48
C GLN C 166 33.16 -22.09 -17.30
N ASP C 167 33.01 -21.22 -16.29
CA ASP C 167 32.23 -21.54 -15.09
C ASP C 167 31.42 -20.32 -14.67
N GLY C 168 30.37 -20.54 -13.90
CA GLY C 168 29.56 -19.46 -13.38
C GLY C 168 28.47 -18.96 -14.30
N ASN C 169 28.26 -19.66 -15.41
CA ASN C 169 27.25 -19.26 -16.39
C ASN C 169 25.84 -19.22 -15.83
N GLY C 170 25.52 -20.12 -14.91
CA GLY C 170 24.23 -20.12 -14.27
C GLY C 170 24.07 -18.86 -13.43
N ARG C 171 25.10 -18.57 -12.64
CA ARG C 171 25.11 -17.41 -11.77
C ARG C 171 25.09 -16.12 -12.56
N ILE C 172 25.98 -16.01 -13.55
CA ILE C 172 26.03 -14.82 -14.40
C ILE C 172 24.70 -14.61 -15.11
N GLY C 173 24.13 -15.69 -15.63
CA GLY C 173 22.85 -15.63 -16.31
C GLY C 173 21.74 -15.13 -15.41
N ARG C 174 21.69 -15.65 -14.19
CA ARG C 174 20.67 -15.23 -13.23
C ARG C 174 20.87 -13.78 -12.76
N PHE C 175 22.13 -13.37 -12.63
CA PHE C 175 22.46 -11.98 -12.29
C PHE C 175 21.97 -11.05 -13.38
N VAL C 176 22.26 -11.39 -14.62
CA VAL C 176 21.80 -10.61 -15.77
C VAL C 176 20.27 -10.57 -15.82
N MET C 177 19.64 -11.69 -15.52
CA MET C 177 18.18 -11.78 -15.48
C MET C 177 17.63 -10.79 -14.46
N LEU C 178 18.19 -10.82 -13.26
CA LEU C 178 17.78 -9.92 -12.19
C LEU C 178 17.98 -8.47 -12.59
N LYS C 179 19.09 -8.21 -13.27
CA LYS C 179 19.43 -6.87 -13.76
C LYS C 179 18.32 -6.37 -14.67
N GLN C 180 17.95 -7.22 -15.63
CA GLN C 180 16.91 -6.92 -16.60
C GLN C 180 15.55 -6.71 -15.94
N MET C 181 15.25 -7.52 -14.93
CA MET C 181 14.00 -7.37 -14.19
C MET C 181 13.92 -6.03 -13.46
N LEU C 182 15.00 -5.67 -12.79
CA LEU C 182 15.04 -4.43 -12.03
C LEU C 182 15.01 -3.19 -12.92
N GLU C 183 15.78 -3.22 -14.01
CA GLU C 183 15.89 -2.07 -14.89
C GLU C 183 14.58 -1.70 -15.58
N ASN C 184 13.77 -2.70 -15.90
CA ASN C 184 12.55 -2.48 -16.68
C ASN C 184 11.25 -2.56 -15.86
N ASN C 185 11.37 -2.45 -14.55
CA ASN C 185 10.22 -2.47 -13.64
C ASN C 185 9.36 -3.73 -13.79
N LEU C 186 9.96 -4.80 -14.29
CA LEU C 186 9.26 -6.06 -14.46
C LEU C 186 9.08 -6.75 -13.11
N PRO C 187 8.12 -7.68 -13.02
CA PRO C 187 7.97 -8.44 -11.77
C PRO C 187 9.25 -9.19 -11.42
N ILE C 188 9.63 -9.15 -10.16
CA ILE C 188 10.88 -9.77 -9.72
C ILE C 188 10.65 -11.24 -9.40
N LYS C 189 11.14 -12.11 -10.27
CA LYS C 189 11.00 -13.55 -10.09
C LYS C 189 12.36 -14.16 -9.76
N ILE C 190 12.50 -14.68 -8.55
CA ILE C 190 13.77 -15.26 -8.13
C ILE C 190 13.79 -16.76 -8.43
N VAL C 191 14.74 -17.19 -9.24
CA VAL C 191 14.90 -18.60 -9.54
C VAL C 191 15.24 -19.35 -8.26
N SER C 192 14.36 -20.26 -7.84
CA SER C 192 14.50 -20.92 -6.56
C SER C 192 14.91 -22.37 -6.71
N TRP C 193 15.81 -22.82 -5.84
CA TRP C 193 16.26 -24.21 -5.84
C TRP C 193 15.10 -25.10 -5.39
N ASP C 194 15.02 -26.30 -5.94
CA ASP C 194 14.01 -27.27 -5.53
C ASP C 194 14.54 -28.69 -5.72
N SER C 195 13.76 -29.70 -5.35
CA SER C 195 14.25 -31.06 -5.45
C SER C 195 13.88 -31.68 -6.79
N GLU C 196 13.04 -30.98 -7.54
CA GLU C 196 12.56 -31.49 -8.83
C GLU C 196 13.44 -31.03 -10.00
N ASP C 197 14.29 -30.03 -9.75
CA ASP C 197 15.20 -29.49 -10.76
C ASP C 197 14.38 -28.84 -11.87
N LEU C 198 13.44 -27.99 -11.50
CA LEU C 198 12.55 -27.35 -12.45
C LEU C 198 13.24 -26.31 -13.33
N TYR C 199 14.22 -25.60 -12.80
CA TYR C 199 14.96 -24.61 -13.58
C TYR C 199 15.74 -25.27 -14.71
N ARG C 200 16.51 -26.31 -14.34
CA ARG C 200 17.34 -27.02 -15.30
C ARG C 200 16.49 -27.74 -16.33
N ASN C 201 15.38 -28.33 -15.87
CA ASN C 201 14.46 -29.05 -16.76
C ASN C 201 13.79 -28.09 -17.74
N SER C 202 13.44 -26.90 -17.26
CA SER C 202 12.86 -25.86 -18.10
C SER C 202 13.87 -25.45 -19.16
N LEU C 203 15.13 -25.32 -18.75
CA LEU C 203 16.20 -25.03 -19.71
C LEU C 203 16.36 -26.13 -20.75
N ASN C 204 16.21 -27.38 -20.31
CA ASN C 204 16.34 -28.53 -21.22
C ASN C 204 15.21 -28.62 -22.26
N SER C 205 13.97 -28.45 -21.80
CA SER C 205 12.81 -28.54 -22.70
C SER C 205 12.77 -27.40 -23.70
N CYS C 206 13.33 -26.25 -23.33
CA CYS C 206 13.39 -25.11 -24.24
C CYS C 206 14.29 -25.38 -25.45
N SER C 207 13.99 -24.67 -26.54
CA SER C 207 14.82 -24.70 -27.74
C SER C 207 14.70 -23.36 -28.45
N LEU C 208 15.41 -23.22 -29.56
CA LEU C 208 15.43 -21.95 -30.27
C LEU C 208 14.07 -21.67 -30.91
N GLY C 209 13.46 -20.56 -30.54
CA GLY C 209 12.16 -20.20 -31.03
C GLY C 209 11.03 -20.62 -30.11
N ASN C 210 11.33 -21.54 -29.19
CA ASN C 210 10.33 -22.00 -28.23
C ASN C 210 10.88 -21.92 -26.82
N TYR C 211 10.51 -20.87 -26.11
CA TYR C 211 11.02 -20.60 -24.77
C TYR C 211 9.90 -20.68 -23.74
N VAL C 212 8.78 -21.25 -24.17
CA VAL C 212 7.58 -21.36 -23.34
C VAL C 212 7.77 -22.09 -22.00
N PRO C 213 8.51 -23.22 -21.98
CA PRO C 213 8.65 -23.87 -20.66
C PRO C 213 9.31 -22.99 -19.60
N LEU C 214 10.33 -22.23 -20.02
CA LEU C 214 11.04 -21.35 -19.10
C LEU C 214 10.13 -20.21 -18.64
N ILE C 215 9.32 -19.70 -19.56
CA ILE C 215 8.36 -18.64 -19.24
C ILE C 215 7.33 -19.12 -18.23
N GLU C 216 6.85 -20.35 -18.44
CA GLU C 216 5.92 -20.98 -17.51
C GLU C 216 6.57 -21.13 -16.14
N TYR C 217 7.84 -21.52 -16.13
CA TYR C 217 8.57 -21.67 -14.87
C TYR C 217 8.68 -20.33 -14.14
N LEU C 218 9.04 -19.28 -14.86
CA LEU C 218 9.16 -17.95 -14.26
C LEU C 218 7.80 -17.46 -13.75
N SER C 219 6.74 -17.77 -14.47
CA SER C 219 5.39 -17.44 -14.05
C SER C 219 5.00 -18.19 -12.78
N SER C 220 5.53 -19.41 -12.64
CA SER C 220 5.32 -20.21 -11.43
C SER C 220 5.84 -19.50 -10.19
N LEU C 221 6.88 -18.70 -10.38
CA LEU C 221 7.58 -18.02 -9.30
C LEU C 221 6.83 -16.83 -8.72
N GLU C 222 7.02 -16.59 -7.43
CA GLU C 222 6.43 -15.46 -6.73
C GLU C 222 7.05 -14.14 -7.19
N ASP C 223 6.23 -13.09 -7.28
CA ASP C 223 6.78 -11.76 -7.53
C ASP C 223 7.36 -11.30 -6.19
N PHE C 224 8.66 -11.05 -6.16
CA PHE C 224 9.34 -10.72 -4.90
C PHE C 224 8.82 -9.42 -4.29
N ARG C 225 8.58 -8.43 -5.15
CA ARG C 225 7.98 -7.16 -4.75
C ARG C 225 6.69 -7.31 -3.96
N GLU C 226 5.84 -8.22 -4.42
CA GLU C 226 4.48 -8.31 -3.90
C GLU C 226 4.43 -9.21 -2.66
N VAL C 227 5.56 -9.81 -2.32
CA VAL C 227 5.66 -10.65 -1.13
C VAL C 227 6.04 -9.81 0.09
N TYR C 228 6.92 -8.85 -0.12
CA TYR C 228 7.43 -8.04 0.98
C TYR C 228 6.96 -6.60 0.82
N LYS C 229 5.65 -6.45 0.63
CA LYS C 229 5.04 -5.14 0.43
C LYS C 229 5.10 -4.30 1.70
N MET C 230 5.21 -4.98 2.84
CA MET C 230 5.28 -4.32 4.14
C MET C 230 6.48 -3.38 4.24
N LEU C 231 7.58 -3.76 3.61
CA LEU C 231 8.80 -2.97 3.65
C LEU C 231 8.64 -1.66 2.90
N TRP C 232 7.97 -1.71 1.76
CA TRP C 232 7.75 -0.51 0.94
C TRP C 232 6.26 -0.28 0.69
N ASP D 7 12.00 -42.44 16.14
CA ASP D 7 11.93 -43.39 15.04
C ASP D 7 10.75 -44.36 15.17
N LYS D 8 10.52 -44.90 16.37
CA LYS D 8 9.38 -45.79 16.57
C LYS D 8 8.07 -45.04 16.40
N LEU D 9 8.06 -43.81 16.92
CA LEU D 9 6.92 -42.92 16.84
C LEU D 9 6.55 -42.62 15.38
N ILE D 10 7.57 -42.41 14.56
CA ILE D 10 7.36 -42.09 13.15
C ILE D 10 6.73 -43.26 12.40
N GLU D 11 7.16 -44.47 12.71
CA GLU D 11 6.54 -45.65 12.08
C GLU D 11 5.11 -45.81 12.58
N THR D 12 4.87 -45.47 13.84
CA THR D 12 3.55 -45.65 14.43
C THR D 12 2.63 -44.44 14.23
N LYS D 13 3.06 -43.49 13.41
CA LYS D 13 2.28 -42.26 13.19
C LYS D 13 0.90 -42.50 12.58
N GLU D 14 0.84 -43.33 11.55
CA GLU D 14 -0.39 -43.57 10.82
C GLU D 14 -1.27 -44.67 11.41
N LEU D 15 -0.68 -45.52 12.24
CA LEU D 15 -1.43 -46.62 12.82
C LEU D 15 -2.28 -46.14 13.98
N LYS D 16 -3.42 -46.80 14.16
CA LYS D 16 -4.39 -46.44 15.18
C LYS D 16 -4.11 -47.27 16.43
N ASN D 17 -4.55 -46.77 17.58
CA ASN D 17 -4.21 -47.35 18.88
C ASN D 17 -2.72 -47.67 19.06
N SER D 18 -1.86 -46.67 18.86
CA SER D 18 -0.42 -46.85 19.06
C SER D 18 0.10 -45.87 20.11
N LEU D 19 1.38 -45.99 20.46
CA LEU D 19 2.01 -45.10 21.43
C LEU D 19 1.84 -43.64 21.02
N TYR D 20 1.91 -43.39 19.73
CA TYR D 20 1.72 -42.06 19.18
C TYR D 20 0.35 -41.52 19.58
N ASN D 21 -0.67 -42.33 19.34
CA ASN D 21 -2.04 -41.95 19.65
C ASN D 21 -2.29 -41.88 21.16
N VAL D 22 -1.59 -42.71 21.93
CA VAL D 22 -1.70 -42.67 23.39
C VAL D 22 -1.13 -41.37 23.98
N LEU D 23 0.08 -41.03 23.55
CA LEU D 23 0.73 -39.79 23.98
C LEU D 23 -0.11 -38.59 23.56
N LYS D 24 -0.56 -38.62 22.30
CA LYS D 24 -1.40 -37.57 21.77
C LYS D 24 -2.65 -37.42 22.63
N HIS D 25 -3.26 -38.55 22.96
CA HIS D 25 -4.50 -38.57 23.74
C HIS D 25 -4.29 -37.95 25.12
N ASN D 26 -3.32 -38.46 25.87
CA ASN D 26 -3.07 -37.97 27.22
C ASN D 26 -2.67 -36.49 27.25
N PHE D 27 -1.69 -36.14 26.43
CA PHE D 27 -1.18 -34.78 26.38
C PHE D 27 -2.27 -33.79 26.00
N LEU D 28 -3.00 -34.09 24.93
CA LEU D 28 -4.07 -33.21 24.49
C LEU D 28 -5.18 -33.16 25.54
N TYR D 29 -5.43 -34.28 26.19
CA TYR D 29 -6.44 -34.34 27.25
C TYR D 29 -6.12 -33.34 28.35
N HIS D 30 -4.92 -33.44 28.92
CA HIS D 30 -4.53 -32.57 30.03
C HIS D 30 -4.41 -31.11 29.61
N SER D 31 -3.66 -30.88 28.53
CA SER D 31 -3.41 -29.53 28.03
C SER D 31 -4.70 -28.80 27.68
N ASN D 32 -5.65 -29.51 27.06
CA ASN D 32 -6.93 -28.90 26.74
C ASN D 32 -7.84 -28.75 27.95
N LYS D 33 -7.79 -29.72 28.87
CA LYS D 33 -8.64 -29.68 30.07
C LYS D 33 -8.24 -28.51 30.97
N ILE D 34 -6.96 -28.14 30.96
CA ILE D 34 -6.52 -26.98 31.73
C ILE D 34 -7.24 -25.70 31.23
N GLU D 35 -7.49 -25.64 29.93
CA GLU D 35 -8.09 -24.45 29.32
C GLU D 35 -9.61 -24.44 29.41
N GLY D 36 -10.20 -25.50 29.96
CA GLY D 36 -11.63 -25.51 30.19
C GLY D 36 -12.42 -26.44 29.30
N SER D 37 -11.74 -27.33 28.59
CA SER D 37 -12.40 -28.30 27.72
C SER D 37 -13.22 -29.29 28.56
N THR D 38 -14.41 -29.63 28.05
CA THR D 38 -15.29 -30.53 28.78
C THR D 38 -15.30 -31.92 28.16
N PHE D 39 -14.36 -32.18 27.27
CA PHE D 39 -14.22 -33.50 26.68
C PHE D 39 -13.65 -34.46 27.72
N THR D 40 -14.32 -35.58 27.91
CA THR D 40 -13.79 -36.63 28.76
C THR D 40 -12.72 -37.38 27.98
N THR D 41 -12.04 -38.31 28.64
CA THR D 41 -10.96 -39.06 27.98
C THR D 41 -11.48 -39.97 26.86
N GLU D 42 -12.61 -40.63 27.09
CA GLU D 42 -13.20 -41.52 26.10
C GLU D 42 -13.82 -40.73 24.95
N ALA D 43 -14.38 -39.56 25.25
CA ALA D 43 -14.98 -38.69 24.24
C ALA D 43 -13.89 -38.17 23.31
N LEU D 44 -12.75 -37.80 23.89
CA LEU D 44 -11.61 -37.34 23.12
C LEU D 44 -11.08 -38.47 22.26
N ALA D 45 -11.05 -39.67 22.83
CA ALA D 45 -10.64 -40.86 22.08
C ALA D 45 -11.56 -41.06 20.88
N LEU D 46 -12.86 -40.87 21.09
CA LEU D 46 -13.85 -41.00 20.03
C LEU D 46 -13.65 -39.97 18.94
N LEU D 47 -13.33 -38.74 19.33
CA LEU D 47 -13.12 -37.67 18.36
C LEU D 47 -11.86 -37.91 17.53
N LEU D 48 -10.78 -38.33 18.18
CA LEU D 48 -9.52 -38.56 17.48
C LEU D 48 -9.56 -39.78 16.55
N ASP D 49 -10.11 -40.88 17.05
CA ASP D 49 -10.13 -42.13 16.30
C ASP D 49 -11.25 -42.19 15.27
N LYS D 50 -12.46 -41.79 15.66
CA LYS D 50 -13.63 -42.01 14.83
C LYS D 50 -14.27 -40.72 14.32
N ASN D 51 -13.67 -39.57 14.66
CA ASN D 51 -14.21 -38.26 14.27
C ASN D 51 -15.66 -38.09 14.69
N VAL D 52 -15.95 -38.41 15.95
CA VAL D 52 -17.29 -38.32 16.48
C VAL D 52 -17.34 -37.44 17.73
N VAL D 53 -18.30 -36.53 17.79
CA VAL D 53 -18.46 -35.63 18.92
C VAL D 53 -19.50 -36.16 19.89
N THR D 54 -19.14 -36.26 21.16
CA THR D 54 -20.07 -36.76 22.17
C THR D 54 -20.13 -35.82 23.37
N GLY D 55 -21.24 -35.89 24.11
CA GLY D 55 -21.41 -35.07 25.29
C GLY D 55 -21.74 -33.63 24.93
N ARG D 56 -21.85 -32.79 25.96
CA ARG D 56 -22.18 -31.39 25.77
C ARG D 56 -20.92 -30.53 25.66
N HIS D 57 -20.80 -29.78 24.57
CA HIS D 57 -19.64 -28.94 24.34
C HIS D 57 -19.99 -27.65 23.61
N THR D 58 -19.17 -26.63 23.81
CA THR D 58 -19.26 -25.42 23.01
C THR D 58 -18.58 -25.66 21.66
N LEU D 59 -18.94 -24.87 20.66
CA LEU D 59 -18.32 -25.00 19.35
C LEU D 59 -16.82 -24.72 19.41
N ASP D 60 -16.45 -23.72 20.21
CA ASP D 60 -15.05 -23.38 20.39
C ASP D 60 -14.27 -24.53 20.99
N ASP D 61 -14.88 -25.27 21.91
CA ASP D 61 -14.23 -26.41 22.52
C ASP D 61 -13.91 -27.49 21.48
N VAL D 62 -14.90 -27.82 20.67
CA VAL D 62 -14.76 -28.83 19.63
C VAL D 62 -13.69 -28.43 18.62
N GLN D 63 -13.83 -27.23 18.07
CA GLN D 63 -12.93 -26.75 17.04
C GLN D 63 -11.50 -26.61 17.57
N GLU D 64 -11.36 -26.09 18.78
CA GLU D 64 -10.04 -25.96 19.40
C GLU D 64 -9.42 -27.32 19.68
N THR D 65 -10.24 -28.32 19.98
CA THR D 65 -9.74 -29.67 20.19
C THR D 65 -9.19 -30.26 18.89
N VAL D 66 -10.00 -30.21 17.84
CA VAL D 66 -9.57 -30.72 16.53
C VAL D 66 -8.30 -30.00 16.05
N ASN D 67 -8.33 -28.68 16.18
CA ASN D 67 -7.17 -27.85 15.89
C ASN D 67 -5.96 -28.27 16.71
N SER D 68 -6.20 -28.65 17.96
CA SER D 68 -5.13 -29.13 18.84
C SER D 68 -4.53 -30.40 18.27
N SER D 69 -5.39 -31.24 17.70
CA SER D 69 -4.92 -32.46 17.05
C SER D 69 -4.01 -32.13 15.86
N TYR D 70 -4.49 -31.27 14.97
CA TYR D 70 -3.70 -30.87 13.80
C TYR D 70 -2.37 -30.25 14.20
N VAL D 71 -2.40 -29.37 15.20
CA VAL D 71 -1.20 -28.73 15.71
C VAL D 71 -0.23 -29.76 16.29
N PHE D 72 -0.77 -30.75 16.98
CA PHE D 72 0.05 -31.82 17.53
C PHE D 72 0.79 -32.54 16.40
N ASP D 73 0.05 -32.91 15.36
CA ASP D 73 0.66 -33.57 14.21
C ASP D 73 1.74 -32.71 13.57
N THR D 74 1.48 -31.40 13.48
CA THR D 74 2.43 -30.47 12.91
C THR D 74 3.71 -30.39 13.77
N VAL D 75 3.53 -30.46 15.08
CA VAL D 75 4.64 -30.41 16.02
C VAL D 75 5.51 -31.64 15.87
N ILE D 76 4.87 -32.82 15.78
CA ILE D 76 5.60 -34.07 15.62
C ILE D 76 6.34 -34.15 14.28
N ASP D 77 5.70 -33.70 13.21
CA ASP D 77 6.29 -33.80 11.87
C ASP D 77 7.53 -32.93 11.69
N SER D 78 7.63 -31.84 12.45
CA SER D 78 8.77 -30.93 12.34
C SER D 78 9.72 -31.03 13.52
N LEU D 79 9.92 -32.24 14.04
CA LEU D 79 10.94 -32.44 15.05
C LEU D 79 12.31 -32.25 14.42
N LYS D 80 13.29 -31.87 15.24
CA LYS D 80 14.67 -31.60 14.83
C LYS D 80 14.75 -30.30 14.02
N GLU D 81 13.60 -29.71 13.73
CA GLU D 81 13.55 -28.41 13.06
C GLU D 81 13.75 -27.31 14.09
N LYS D 82 14.36 -26.21 13.68
CA LYS D 82 14.58 -25.09 14.58
C LYS D 82 13.30 -24.29 14.80
N ILE D 83 13.08 -23.90 16.05
CA ILE D 83 11.91 -23.10 16.40
C ILE D 83 12.12 -21.65 15.99
N THR D 84 11.23 -21.14 15.14
CA THR D 84 11.32 -19.75 14.69
C THR D 84 10.00 -19.06 14.93
N HIS D 85 9.99 -17.74 14.77
CA HIS D 85 8.80 -16.95 15.03
C HIS D 85 7.67 -17.29 14.06
N ASN D 86 7.98 -17.42 12.78
CA ASN D 86 6.96 -17.76 11.78
C ASN D 86 6.36 -19.15 12.02
N PHE D 87 7.17 -20.02 12.59
CA PHE D 87 6.71 -21.35 12.98
C PHE D 87 5.64 -21.24 14.06
N LEU D 88 5.95 -20.48 15.11
CA LEU D 88 5.02 -20.26 16.21
C LEU D 88 3.75 -19.56 15.75
N ARG D 89 3.88 -18.59 14.86
CA ARG D 89 2.74 -17.85 14.34
C ARG D 89 1.85 -18.80 13.53
N ASN D 90 2.49 -19.71 12.80
CA ASN D 90 1.77 -20.76 12.08
C ASN D 90 1.01 -21.68 13.02
N LEU D 91 1.67 -22.09 14.10
CA LEU D 91 1.04 -22.95 15.10
C LEU D 91 -0.15 -22.26 15.75
N HIS D 92 0.00 -20.96 16.00
CA HIS D 92 -1.05 -20.17 16.61
C HIS D 92 -2.25 -20.08 15.69
N SER D 93 -2.01 -19.72 14.44
CA SER D 93 -3.10 -19.57 13.47
C SER D 93 -3.80 -20.90 13.21
N SER D 94 -3.04 -21.99 13.27
CA SER D 94 -3.61 -23.31 13.09
C SER D 94 -4.41 -23.74 14.32
N LEU D 95 -4.03 -23.22 15.48
CA LEU D 95 -4.68 -23.56 16.73
C LEU D 95 -5.98 -22.78 16.94
N ILE D 96 -5.99 -21.52 16.54
CA ILE D 96 -7.15 -20.67 16.76
C ILE D 96 -8.02 -20.58 15.51
N PHE D 97 -7.79 -21.49 14.57
CA PHE D 97 -8.55 -21.52 13.33
C PHE D 97 -10.04 -21.75 13.58
N ASN D 98 -10.86 -20.96 12.90
CA ASN D 98 -12.31 -21.07 13.00
C ASN D 98 -12.82 -20.97 14.44
N THR D 99 -12.49 -19.87 15.12
CA THR D 99 -12.95 -19.64 16.48
C THR D 99 -13.46 -18.22 16.66
N THR D 100 -14.08 -17.95 17.80
CA THR D 100 -14.60 -16.63 18.12
C THR D 100 -13.49 -15.62 18.43
N LEU D 101 -12.54 -15.46 17.52
CA LEU D 101 -11.46 -14.49 17.71
C LEU D 101 -11.71 -13.23 16.89
N HIS D 102 -11.47 -12.07 17.51
CA HIS D 102 -11.66 -10.80 16.82
C HIS D 102 -10.59 -9.79 17.25
N GLU D 131 8.18 -9.68 20.53
CA GLU D 131 8.97 -10.28 19.47
C GLU D 131 10.49 -10.23 19.73
N PRO D 132 11.02 -9.08 20.17
CA PRO D 132 12.47 -9.09 20.41
C PRO D 132 12.86 -9.98 21.60
N LYS D 133 12.06 -9.91 22.65
CA LYS D 133 12.28 -10.70 23.86
C LYS D 133 12.22 -12.18 23.52
N LEU D 134 11.27 -12.54 22.66
CA LEU D 134 11.08 -13.91 22.23
C LEU D 134 12.25 -14.41 21.39
N ASP D 135 12.70 -13.58 20.45
CA ASP D 135 13.85 -13.90 19.62
C ASP D 135 15.07 -14.12 20.50
N GLU D 136 15.21 -13.26 21.51
CA GLU D 136 16.29 -13.37 22.48
C GLU D 136 16.22 -14.71 23.20
N LEU D 137 15.01 -15.11 23.56
CA LEU D 137 14.79 -16.39 24.23
C LEU D 137 15.17 -17.57 23.32
N ILE D 138 14.79 -17.48 22.05
CA ILE D 138 15.09 -18.52 21.07
C ILE D 138 16.60 -18.68 20.87
N GLU D 139 17.28 -17.56 20.66
CA GLU D 139 18.72 -17.56 20.51
C GLU D 139 19.39 -18.11 21.75
N TRP D 140 18.86 -17.74 22.92
CA TRP D 140 19.36 -18.27 24.18
C TRP D 140 19.23 -19.79 24.23
N TYR D 141 18.11 -20.30 23.74
CA TYR D 141 17.89 -21.75 23.72
C TYR D 141 18.84 -22.48 22.78
N TYR D 142 19.04 -21.92 21.58
CA TYR D 142 19.90 -22.57 20.59
C TYR D 142 21.35 -22.13 20.69
N SER D 143 21.69 -21.46 21.80
CA SER D 143 23.09 -21.15 22.10
C SER D 143 23.61 -22.09 23.19
N GLN D 144 22.71 -22.92 23.69
CA GLN D 144 23.04 -23.86 24.76
C GLN D 144 23.87 -25.03 24.24
N SER D 145 24.91 -25.40 24.99
CA SER D 145 25.74 -26.53 24.60
C SER D 145 24.91 -27.82 24.68
N GLU D 146 24.16 -27.96 25.77
CA GLU D 146 23.24 -29.08 25.94
C GLU D 146 21.92 -28.58 26.51
N VAL D 147 20.83 -29.27 26.18
CA VAL D 147 19.52 -28.90 26.67
C VAL D 147 19.02 -29.87 27.75
N SER D 148 18.49 -29.33 28.84
CA SER D 148 17.99 -30.13 29.95
C SER D 148 16.64 -29.61 30.44
N ILE D 149 16.09 -30.29 31.44
CA ILE D 149 14.82 -29.89 32.03
C ILE D 149 14.94 -28.50 32.64
N LYS D 150 16.14 -28.16 33.11
CA LYS D 150 16.39 -26.84 33.69
C LYS D 150 16.24 -25.76 32.62
N VAL D 151 16.85 -26.02 31.46
CA VAL D 151 16.80 -25.11 30.32
C VAL D 151 15.38 -25.00 29.78
N ILE D 152 14.70 -26.13 29.67
CA ILE D 152 13.34 -26.19 29.18
C ILE D 152 12.37 -25.45 30.10
N ALA D 153 12.55 -25.63 31.41
CA ALA D 153 11.70 -24.98 32.40
C ALA D 153 11.92 -23.47 32.39
N GLU D 154 13.18 -23.05 32.30
CA GLU D 154 13.49 -21.63 32.23
C GLU D 154 12.84 -21.04 30.98
N PHE D 155 12.95 -21.78 29.87
CA PHE D 155 12.33 -21.39 28.60
C PHE D 155 10.81 -21.28 28.73
N HIS D 156 10.22 -22.20 29.48
CA HIS D 156 8.78 -22.24 29.68
C HIS D 156 8.30 -21.01 30.44
N TYR D 157 8.92 -20.76 31.59
CA TYR D 157 8.52 -19.62 32.41
C TYR D 157 8.76 -18.32 31.66
N ARG D 158 9.88 -18.23 30.95
CA ARG D 158 10.18 -17.01 30.20
C ARG D 158 9.17 -16.81 29.07
N PHE D 159 8.75 -17.89 28.44
CA PHE D 159 7.75 -17.84 27.38
C PHE D 159 6.41 -17.36 27.91
N GLU D 160 6.01 -17.88 29.07
CA GLU D 160 4.77 -17.46 29.71
C GLU D 160 4.87 -16.01 30.16
N LEU D 161 6.09 -15.60 30.50
CA LEU D 161 6.35 -14.25 30.97
C LEU D 161 6.20 -13.26 29.82
N ILE D 162 6.72 -13.62 28.66
CA ILE D 162 6.61 -12.81 27.45
C ILE D 162 5.16 -12.68 26.96
N HIS D 163 4.44 -13.79 26.97
CA HIS D 163 3.03 -13.82 26.54
C HIS D 163 2.85 -13.23 25.14
N PRO D 164 3.51 -13.82 24.13
CA PRO D 164 3.52 -13.23 22.78
C PRO D 164 2.16 -13.17 22.11
N PHE D 165 1.28 -14.13 22.39
CA PHE D 165 -0.01 -14.21 21.75
C PHE D 165 -1.12 -13.73 22.67
N GLN D 166 -2.22 -13.26 22.09
CA GLN D 166 -3.35 -12.77 22.89
C GLN D 166 -3.96 -13.92 23.71
N ASP D 167 -4.14 -15.06 23.06
CA ASP D 167 -4.66 -16.23 23.76
C ASP D 167 -4.00 -17.49 23.19
N GLY D 168 -4.05 -18.58 23.94
CA GLY D 168 -3.48 -19.84 23.51
C GLY D 168 -2.02 -20.00 23.86
N ASN D 169 -1.50 -19.07 24.66
CA ASN D 169 -0.11 -19.11 25.08
C ASN D 169 0.25 -20.36 25.88
N GLY D 170 -0.70 -20.83 26.69
CA GLY D 170 -0.49 -22.02 27.48
C GLY D 170 -0.34 -23.25 26.60
N ARG D 171 -1.23 -23.39 25.63
CA ARG D 171 -1.19 -24.54 24.72
C ARG D 171 0.05 -24.51 23.84
N ILE D 172 0.32 -23.36 23.22
CA ILE D 172 1.51 -23.21 22.39
C ILE D 172 2.76 -23.51 23.21
N GLY D 173 2.80 -22.96 24.42
CA GLY D 173 3.92 -23.17 25.32
C GLY D 173 4.15 -24.61 25.70
N ARG D 174 3.08 -25.33 26.03
CA ARG D 174 3.20 -26.74 26.39
C ARG D 174 3.56 -27.60 25.17
N PHE D 175 3.07 -27.22 24.00
CA PHE D 175 3.43 -27.88 22.75
C PHE D 175 4.92 -27.74 22.49
N VAL D 176 5.41 -26.51 22.61
CA VAL D 176 6.84 -26.22 22.44
C VAL D 176 7.68 -26.97 23.47
N MET D 177 7.18 -27.04 24.71
CA MET D 177 7.85 -27.77 25.77
C MET D 177 8.00 -29.24 25.41
N LEU D 178 6.90 -29.84 24.97
CA LEU D 178 6.90 -31.24 24.55
C LEU D 178 7.87 -31.44 23.40
N LYS D 179 7.90 -30.48 22.48
CA LYS D 179 8.81 -30.53 21.35
C LYS D 179 10.27 -30.55 21.79
N GLN D 180 10.62 -29.64 22.70
CA GLN D 180 11.99 -29.52 23.20
C GLN D 180 12.40 -30.79 23.95
N MET D 181 11.47 -31.35 24.71
CA MET D 181 11.72 -32.61 25.42
C MET D 181 11.99 -33.74 24.43
N LEU D 182 11.18 -33.81 23.39
CA LEU D 182 11.31 -34.87 22.39
C LEU D 182 12.60 -34.74 21.59
N GLU D 183 12.97 -33.51 21.21
CA GLU D 183 14.14 -33.29 20.38
C GLU D 183 15.44 -33.73 21.05
N ASN D 184 15.53 -33.58 22.36
CA ASN D 184 16.75 -33.90 23.06
C ASN D 184 16.65 -35.21 23.82
N ASN D 185 15.63 -36.00 23.46
CA ASN D 185 15.41 -37.32 24.05
C ASN D 185 15.34 -37.27 25.57
N LEU D 186 14.95 -36.11 26.09
CA LEU D 186 14.85 -35.89 27.52
C LEU D 186 13.62 -36.59 28.08
N PRO D 187 13.59 -36.82 29.41
CA PRO D 187 12.39 -37.43 30.00
C PRO D 187 11.12 -36.61 29.75
N ILE D 188 10.01 -37.26 29.39
CA ILE D 188 8.77 -36.53 29.07
C ILE D 188 7.95 -36.35 30.34
N LYS D 189 7.81 -35.09 30.73
CA LYS D 189 6.91 -34.73 31.81
C LYS D 189 5.75 -33.93 31.21
N ILE D 190 4.56 -34.51 31.19
CA ILE D 190 3.39 -33.82 30.65
C ILE D 190 2.63 -33.11 31.77
N VAL D 191 2.47 -31.80 31.64
CA VAL D 191 1.73 -31.03 32.63
C VAL D 191 0.30 -31.53 32.67
N SER D 192 -0.11 -32.01 33.85
CA SER D 192 -1.39 -32.68 34.02
C SER D 192 -2.40 -31.81 34.74
N TRP D 193 -3.66 -31.92 34.33
CA TRP D 193 -4.75 -31.14 34.92
C TRP D 193 -5.06 -31.45 36.38
N ASP D 194 -5.01 -32.73 36.76
CA ASP D 194 -5.25 -33.13 38.13
C ASP D 194 -4.42 -32.30 39.12
N SER D 195 -3.12 -32.20 38.85
CA SER D 195 -2.20 -31.47 39.72
C SER D 195 -2.01 -30.02 39.27
N GLU D 196 -2.65 -29.64 38.17
CA GLU D 196 -2.45 -28.34 37.53
C GLU D 196 -2.53 -27.13 38.47
N ASP D 197 -3.06 -27.34 39.67
CA ASP D 197 -3.09 -26.29 40.67
C ASP D 197 -1.65 -26.00 41.07
N LEU D 198 -0.89 -27.09 41.23
CA LEU D 198 0.52 -27.02 41.61
C LEU D 198 1.37 -26.44 40.49
N TYR D 199 0.97 -26.67 39.24
CA TYR D 199 1.68 -26.13 38.09
C TYR D 199 1.58 -24.60 38.10
N ARG D 200 0.36 -24.10 38.23
CA ARG D 200 0.11 -22.66 38.25
C ARG D 200 0.75 -22.03 39.48
N ASN D 201 0.68 -22.73 40.60
CA ASN D 201 1.25 -22.25 41.85
C ASN D 201 2.78 -22.18 41.79
N SER D 202 3.38 -23.18 41.16
CA SER D 202 4.83 -23.21 40.95
C SER D 202 5.23 -22.07 40.05
N LEU D 203 4.43 -21.82 39.02
CA LEU D 203 4.67 -20.69 38.13
C LEU D 203 4.57 -19.38 38.92
N ASN D 204 3.66 -19.35 39.89
CA ASN D 204 3.48 -18.16 40.73
C ASN D 204 4.69 -17.91 41.61
N SER D 205 5.19 -18.96 42.24
CA SER D 205 6.35 -18.84 43.12
C SER D 205 7.61 -18.55 42.30
N CYS D 206 7.63 -19.01 41.05
CA CYS D 206 8.73 -18.72 40.15
C CYS D 206 8.80 -17.24 39.79
N SER D 207 10.01 -16.78 39.50
CA SER D 207 10.24 -15.44 38.96
C SER D 207 11.51 -15.48 38.13
N LEU D 208 11.90 -14.34 37.58
CA LEU D 208 13.06 -14.31 36.70
C LEU D 208 14.32 -14.59 37.52
N GLY D 209 15.05 -15.62 37.13
CA GLY D 209 16.24 -16.02 37.86
C GLY D 209 15.99 -17.16 38.83
N ASN D 210 14.72 -17.42 39.12
CA ASN D 210 14.35 -18.51 40.02
C ASN D 210 13.32 -19.44 39.40
N TYR D 211 13.79 -20.57 38.89
CA TYR D 211 12.92 -21.50 38.18
C TYR D 211 12.85 -22.84 38.92
N VAL D 212 13.35 -22.85 40.15
CA VAL D 212 13.40 -24.06 40.96
C VAL D 212 12.04 -24.71 41.24
N PRO D 213 11.00 -23.91 41.61
CA PRO D 213 9.71 -24.56 41.86
C PRO D 213 9.14 -25.29 40.66
N LEU D 214 9.31 -24.71 39.47
CA LEU D 214 8.83 -25.32 38.24
C LEU D 214 9.59 -26.61 37.93
N ILE D 215 10.90 -26.58 38.16
CA ILE D 215 11.75 -27.75 37.93
C ILE D 215 11.36 -28.88 38.88
N GLU D 216 11.12 -28.54 40.14
CA GLU D 216 10.68 -29.51 41.13
C GLU D 216 9.31 -30.07 40.74
N TYR D 217 8.44 -29.21 40.23
CA TYR D 217 7.13 -29.65 39.78
C TYR D 217 7.24 -30.67 38.65
N LEU D 218 8.06 -30.36 37.65
CA LEU D 218 8.27 -31.25 36.52
C LEU D 218 8.90 -32.56 36.97
N SER D 219 9.81 -32.48 37.94
CA SER D 219 10.43 -33.67 38.50
C SER D 219 9.40 -34.53 39.20
N SER D 220 8.42 -33.87 39.82
CA SER D 220 7.30 -34.56 40.47
C SER D 220 6.50 -35.39 39.49
N LEU D 221 6.44 -34.94 38.24
CA LEU D 221 5.62 -35.59 37.22
C LEU D 221 6.22 -36.91 36.77
N GLU D 222 5.34 -37.86 36.47
CA GLU D 222 5.76 -39.18 35.97
C GLU D 222 6.32 -39.12 34.56
N ASP D 223 7.35 -39.91 34.32
CA ASP D 223 7.96 -40.02 33.00
C ASP D 223 7.12 -40.94 32.10
N PHE D 224 6.60 -40.39 31.00
CA PHE D 224 5.73 -41.12 30.06
C PHE D 224 6.47 -42.24 29.34
N ARG D 225 7.77 -42.08 29.12
CA ARG D 225 8.60 -43.13 28.54
C ARG D 225 8.34 -44.48 29.21
N GLU D 226 8.31 -44.44 30.54
CA GLU D 226 8.20 -45.67 31.32
C GLU D 226 6.73 -46.01 31.52
N VAL D 227 5.84 -45.17 31.02
CA VAL D 227 4.41 -45.45 31.11
C VAL D 227 3.93 -46.27 29.93
#